data_2GY7
#
_entry.id   2GY7
#
_cell.length_a   165.636
_cell.length_b   165.636
_cell.length_c   115.310
_cell.angle_alpha   90.00
_cell.angle_beta   90.00
_cell.angle_gamma   90.00
#
_symmetry.space_group_name_H-M   'P 41 21 2'
#
loop_
_entity.id
_entity.type
_entity.pdbx_description
1 polymer Angiopoietin-2
2 polymer 'Angiopoietin-1 receptor'
3 branched 2-acetamido-2-deoxy-alpha-D-glucopyranose-(1-4)-2-acetamido-2-deoxy-beta-D-glucopyranose-(1-4)-2-acetamido-2-deoxy-beta-D-glucopyranose-(1-4)-2-acetamido-2-deoxy-beta-D-glucopyranose
4 branched 2-acetamido-2-deoxy-beta-D-glucopyranose-(1-4)-2-acetamido-2-deoxy-beta-D-glucopyranose
5 non-polymer 'CALCIUM ION'
6 non-polymer 2-acetamido-2-deoxy-beta-D-glucopyranose
7 non-polymer 'SULFATE ION'
#
loop_
_entity_poly.entity_id
_entity_poly.type
_entity_poly.pdbx_seq_one_letter_code
_entity_poly.pdbx_strand_id
1 'polypeptide(L)'
;EFRDCAEVFKSGHTTNGIYTLTFPNSTEEIKAYCDMEAGGGGWTIIQRREDGSVDFQRTWKEYKVGFGNPSGEYWLGNEF
VSQLTNQQRYVLKIHLKDWEGNEAYSLYEHFYLSSEELNYRIHLKGLTGTAGKISSISQPGNDFSTKDGDNDKCICKCSQ
MLTGGWWFDACGPSNLNGMYYPQRQNTNKFNGIKWYYWKGSGYSLKATTMMIRPAD
;
A
2 'polypeptide(L)'
;AMDLILINSLPLVSDAETSLTCIASGWRPHEPITIGRDFEALMNQHQDPLEVTQDVTREWAKKVVWKREKASKINGAYFC
EGRVRGEAIRIRTMKMRQQASFLPATLTMTVDKGDNVNISFKKVLIKEEDAVIYKNGSFIHSVPRHEVPDILEVHLPHAQ
PQDAGVYSARYIGGNLFTSAFTRLIVRRCEAQKWGPECNHLCTACMNNGVCHEDTGECICPPGFMGRTCEKACELHTFGR
TCKERCSGQEGCKSYVFCLPDPYGCSCATGWKGLQCNEACHPGFYGPDCKLRCSCNNGEMCDRFQGCLCSPGWQGLQCER
EGIPRMTPKIVDLPDHIEVNSGKFNPICKASGWPLPTNEEMTLVKPDGTVLHPKDFNHTDHFSVAIFTIHRILPPDSGVW
VCSVNTVAGMVEKPFNISVKVLP
;
B
#
loop_
_chem_comp.id
_chem_comp.type
_chem_comp.name
_chem_comp.formula
CA non-polymer 'CALCIUM ION' 'Ca 2'
NAG D-saccharide, beta linking 2-acetamido-2-deoxy-beta-D-glucopyranose 'C8 H15 N O6'
NDG D-saccharide, alpha linking 2-acetamido-2-deoxy-alpha-D-glucopyranose 'C8 H15 N O6'
SO4 non-polymer 'SULFATE ION' 'O4 S -2'
#
# COMPACT_ATOMS: atom_id res chain seq x y z
N GLU A 1 10.79 -58.79 -9.75
CA GLU A 1 11.93 -58.95 -8.81
C GLU A 1 11.81 -57.96 -7.66
N PHE A 2 12.51 -56.85 -7.78
CA PHE A 2 12.54 -55.83 -6.75
C PHE A 2 11.34 -54.91 -6.70
N ARG A 3 10.63 -54.96 -5.57
CA ARG A 3 9.46 -54.14 -5.33
C ARG A 3 9.84 -52.67 -5.08
N ASP A 4 10.59 -52.41 -4.01
CA ASP A 4 11.02 -51.05 -3.69
C ASP A 4 12.54 -51.06 -3.49
N CYS A 5 13.13 -49.91 -3.23
CA CYS A 5 14.58 -49.82 -3.05
C CYS A 5 15.19 -50.55 -1.86
N ALA A 6 14.43 -50.78 -0.80
CA ALA A 6 14.99 -51.49 0.36
C ALA A 6 15.46 -52.86 -0.08
N GLU A 7 14.59 -53.55 -0.81
CA GLU A 7 14.90 -54.88 -1.32
C GLU A 7 16.16 -54.83 -2.22
N VAL A 8 16.42 -53.67 -2.81
CA VAL A 8 17.60 -53.50 -3.66
C VAL A 8 18.82 -53.40 -2.75
N PHE A 9 18.68 -52.54 -1.75
CA PHE A 9 19.73 -52.30 -0.78
C PHE A 9 20.13 -53.60 -0.07
N LYS A 10 19.19 -54.24 0.61
CA LYS A 10 19.49 -55.48 1.30
C LYS A 10 20.14 -56.47 0.36
N SER A 11 19.85 -56.35 -0.93
CA SER A 11 20.47 -57.24 -1.89
C SER A 11 21.87 -56.71 -2.14
N GLY A 12 22.43 -56.07 -1.12
CA GLY A 12 23.77 -55.51 -1.22
C GLY A 12 24.03 -54.52 -2.35
N HIS A 13 22.98 -54.12 -3.07
CA HIS A 13 23.15 -53.18 -4.18
C HIS A 13 23.48 -51.74 -3.77
N THR A 14 24.01 -51.58 -2.58
CA THR A 14 24.36 -50.27 -2.04
C THR A 14 25.17 -49.34 -2.97
N THR A 15 24.48 -48.71 -3.91
CA THR A 15 25.06 -47.75 -4.87
C THR A 15 23.96 -46.80 -5.33
N ASN A 16 24.13 -45.49 -5.13
CA ASN A 16 23.10 -44.56 -5.58
C ASN A 16 22.89 -44.84 -7.05
N GLY A 17 21.63 -44.98 -7.47
CA GLY A 17 21.38 -45.25 -8.87
C GLY A 17 19.98 -45.67 -9.30
N ILE A 18 19.76 -45.62 -10.62
CA ILE A 18 18.49 -45.98 -11.24
C ILE A 18 18.32 -47.48 -11.22
N TYR A 19 17.13 -47.93 -10.89
CA TYR A 19 16.83 -49.36 -10.84
C TYR A 19 15.40 -49.61 -11.35
N THR A 20 15.10 -50.85 -11.71
CA THR A 20 13.77 -51.21 -12.18
C THR A 20 13.10 -51.96 -11.06
N LEU A 21 11.86 -51.60 -10.77
CA LEU A 21 11.11 -52.27 -9.71
C LEU A 21 9.89 -52.86 -10.37
N THR A 22 9.06 -53.54 -9.59
CA THR A 22 7.83 -54.10 -10.14
C THR A 22 6.67 -53.91 -9.18
N PHE A 23 5.52 -53.60 -9.72
CA PHE A 23 4.33 -53.38 -8.91
C PHE A 23 4.02 -54.56 -8.02
N PRO A 24 3.49 -54.31 -6.82
CA PRO A 24 3.18 -55.43 -5.94
C PRO A 24 1.96 -56.18 -6.50
N ASN A 25 1.94 -57.49 -6.27
CA ASN A 25 0.86 -58.35 -6.74
C ASN A 25 0.62 -58.20 -8.24
N SER A 26 1.66 -57.81 -8.96
CA SER A 26 1.55 -57.64 -10.42
C SER A 26 2.81 -57.99 -11.20
N THR A 27 2.72 -57.86 -12.52
CA THR A 27 3.83 -58.13 -13.44
C THR A 27 4.29 -56.89 -14.21
N GLU A 28 3.89 -55.72 -13.73
CA GLU A 28 4.25 -54.43 -14.34
C GLU A 28 5.48 -53.84 -13.64
N GLU A 29 6.38 -53.29 -14.45
CA GLU A 29 7.62 -52.72 -13.93
C GLU A 29 7.70 -51.22 -14.15
N ILE A 30 8.15 -50.51 -13.12
CA ILE A 30 8.29 -49.06 -13.19
C ILE A 30 9.71 -48.73 -12.76
N LYS A 31 10.42 -47.96 -13.58
CA LYS A 31 11.78 -47.58 -13.26
C LYS A 31 11.78 -46.39 -12.31
N ALA A 32 12.87 -46.22 -11.56
CA ALA A 32 12.99 -45.11 -10.61
C ALA A 32 14.43 -44.88 -10.23
N TYR A 33 14.63 -44.08 -9.19
CA TYR A 33 15.98 -43.77 -8.72
C TYR A 33 16.08 -44.11 -7.23
N CYS A 34 17.08 -44.91 -6.86
CA CYS A 34 17.28 -45.28 -5.46
C CYS A 34 18.43 -44.45 -4.87
N ASP A 35 18.22 -43.93 -3.66
CA ASP A 35 19.24 -43.13 -2.99
C ASP A 35 19.94 -43.90 -1.89
N MET A 36 20.76 -44.88 -2.28
CA MET A 36 21.48 -45.71 -1.32
C MET A 36 22.48 -44.89 -0.48
N GLU A 37 23.42 -44.24 -1.17
CA GLU A 37 24.39 -43.41 -0.49
C GLU A 37 23.63 -42.19 -0.02
N ALA A 38 22.96 -42.33 1.11
CA ALA A 38 22.19 -41.23 1.66
C ALA A 38 22.11 -41.39 3.17
N GLY A 39 20.90 -41.23 3.71
CA GLY A 39 20.72 -41.39 5.14
C GLY A 39 21.01 -42.83 5.49
N GLY A 40 20.03 -43.50 6.09
CA GLY A 40 20.23 -44.89 6.44
C GLY A 40 20.64 -45.69 5.21
N GLY A 41 20.27 -45.16 4.04
CA GLY A 41 20.59 -45.85 2.80
C GLY A 41 19.42 -46.71 2.37
N GLY A 42 18.84 -46.36 1.23
CA GLY A 42 17.72 -47.12 0.72
C GLY A 42 16.47 -46.26 0.73
N TRP A 43 16.42 -45.31 -0.21
CA TRP A 43 15.28 -44.42 -0.37
C TRP A 43 14.77 -44.50 -1.80
N THR A 44 13.46 -44.36 -1.98
CA THR A 44 12.90 -44.42 -3.31
C THR A 44 12.39 -43.05 -3.71
N ILE A 45 13.21 -42.35 -4.48
CA ILE A 45 12.87 -41.02 -4.95
C ILE A 45 11.63 -41.02 -5.81
N ILE A 46 10.58 -40.43 -5.23
CA ILE A 46 9.30 -40.31 -5.88
C ILE A 46 9.23 -38.98 -6.63
N GLN A 47 10.24 -38.14 -6.41
CA GLN A 47 10.33 -36.86 -7.08
C GLN A 47 11.63 -36.09 -6.77
N ARG A 48 12.06 -35.30 -7.75
CA ARG A 48 13.25 -34.46 -7.63
C ARG A 48 12.96 -33.12 -8.33
N ARG A 49 13.70 -32.07 -7.97
CA ARG A 49 13.55 -30.74 -8.57
C ARG A 49 14.90 -30.06 -8.43
N GLU A 50 15.79 -30.34 -9.37
CA GLU A 50 17.14 -29.80 -9.31
C GLU A 50 17.44 -28.65 -10.24
N ASP A 51 16.61 -28.46 -11.26
CA ASP A 51 16.82 -27.37 -12.21
C ASP A 51 15.60 -27.19 -13.09
N GLY A 52 15.80 -26.45 -14.19
CA GLY A 52 14.72 -26.21 -15.13
C GLY A 52 14.08 -27.50 -15.56
N SER A 53 14.83 -28.31 -16.30
CA SER A 53 14.37 -29.59 -16.79
C SER A 53 12.94 -29.58 -17.29
N VAL A 54 12.29 -30.74 -17.26
CA VAL A 54 10.92 -30.84 -17.74
C VAL A 54 9.86 -30.37 -16.76
N ASP A 55 8.92 -29.59 -17.25
CA ASP A 55 7.84 -29.02 -16.47
C ASP A 55 7.06 -30.06 -15.69
N PHE A 56 6.03 -29.59 -15.00
CA PHE A 56 5.19 -30.44 -14.18
C PHE A 56 3.71 -30.20 -14.40
N GLN A 57 3.35 -29.09 -15.04
CA GLN A 57 1.94 -28.83 -15.33
C GLN A 57 1.48 -29.89 -16.35
N ARG A 58 1.04 -31.05 -15.85
CA ARG A 58 0.64 -32.17 -16.71
C ARG A 58 -0.71 -32.81 -16.41
N THR A 59 -1.23 -33.55 -17.40
CA THR A 59 -2.52 -34.23 -17.29
C THR A 59 -2.61 -34.99 -15.98
N TRP A 60 -3.81 -35.05 -15.42
CA TRP A 60 -3.98 -35.77 -14.18
C TRP A 60 -3.45 -37.17 -14.36
N LYS A 61 -3.61 -37.70 -15.56
CA LYS A 61 -3.15 -39.04 -15.88
C LYS A 61 -1.63 -39.11 -15.91
N GLU A 62 -0.99 -37.99 -16.27
CA GLU A 62 0.47 -37.96 -16.32
C GLU A 62 1.00 -38.11 -14.90
N TYR A 63 0.35 -37.45 -13.95
CA TYR A 63 0.74 -37.55 -12.55
C TYR A 63 0.32 -38.93 -12.03
N LYS A 64 -0.34 -39.70 -12.88
CA LYS A 64 -0.79 -41.03 -12.51
C LYS A 64 0.27 -42.08 -12.81
N VAL A 65 0.79 -42.07 -14.03
CA VAL A 65 1.79 -43.05 -14.40
C VAL A 65 3.18 -42.47 -14.31
N GLY A 66 3.27 -41.17 -14.06
CA GLY A 66 4.57 -40.54 -13.94
C GLY A 66 5.10 -39.90 -15.21
N PHE A 67 6.18 -39.13 -15.07
CA PHE A 67 6.78 -38.46 -16.20
C PHE A 67 8.16 -37.99 -15.82
N GLY A 68 8.98 -37.67 -16.82
CA GLY A 68 10.34 -37.23 -16.58
C GLY A 68 11.26 -38.41 -16.39
N ASN A 69 12.51 -38.30 -16.84
CA ASN A 69 13.43 -39.42 -16.67
C ASN A 69 13.93 -39.43 -15.23
N PRO A 70 14.21 -40.63 -14.69
CA PRO A 70 14.70 -40.71 -13.31
C PRO A 70 16.15 -40.25 -13.18
N SER A 71 16.80 -40.00 -14.32
CA SER A 71 18.18 -39.53 -14.29
C SER A 71 18.18 -38.14 -13.62
N GLY A 72 17.23 -37.30 -14.03
CA GLY A 72 17.09 -35.95 -13.47
C GLY A 72 15.89 -35.84 -12.57
N GLU A 73 14.96 -34.96 -12.93
CA GLU A 73 13.73 -34.81 -12.14
C GLU A 73 12.57 -35.58 -12.74
N TYR A 74 11.68 -36.04 -11.89
CA TYR A 74 10.54 -36.83 -12.35
C TYR A 74 9.52 -36.92 -11.25
N TRP A 75 8.42 -37.63 -11.50
CA TRP A 75 7.38 -37.79 -10.51
C TRP A 75 7.03 -39.26 -10.25
N LEU A 76 7.56 -40.14 -11.08
CA LEU A 76 7.32 -41.58 -10.93
C LEU A 76 5.88 -41.98 -11.27
N GLY A 77 4.91 -41.62 -10.43
CA GLY A 77 3.53 -41.96 -10.71
C GLY A 77 2.71 -42.41 -9.51
N ASN A 78 1.79 -41.57 -9.07
CA ASN A 78 0.96 -41.86 -7.91
C ASN A 78 0.44 -43.28 -7.74
N GLU A 79 -0.02 -43.90 -8.81
CA GLU A 79 -0.55 -45.25 -8.71
C GLU A 79 0.45 -46.22 -8.06
N PHE A 80 1.70 -46.22 -8.53
CA PHE A 80 2.73 -47.08 -7.95
C PHE A 80 2.94 -46.68 -6.50
N VAL A 81 3.03 -45.38 -6.27
CA VAL A 81 3.24 -44.86 -4.94
C VAL A 81 2.03 -45.15 -4.05
N SER A 82 0.87 -45.35 -4.66
CA SER A 82 -0.34 -45.62 -3.90
C SER A 82 -0.40 -47.04 -3.33
N GLN A 83 -0.11 -48.00 -4.20
CA GLN A 83 -0.11 -49.40 -3.82
C GLN A 83 1.14 -49.76 -3.00
N LEU A 84 2.30 -49.38 -3.52
CA LEU A 84 3.59 -49.65 -2.91
C LEU A 84 3.64 -49.18 -1.45
N THR A 85 2.59 -48.49 -1.02
CA THR A 85 2.56 -47.99 0.35
C THR A 85 1.68 -48.79 1.32
N ASN A 86 0.52 -49.26 0.85
CA ASN A 86 -0.38 -50.05 1.69
C ASN A 86 0.11 -51.48 1.90
N GLN A 87 1.20 -51.84 1.25
CA GLN A 87 1.78 -53.16 1.38
C GLN A 87 2.35 -53.32 2.79
N GLN A 88 3.30 -52.45 3.12
CA GLN A 88 3.96 -52.43 4.41
C GLN A 88 3.56 -51.09 5.01
N ARG A 89 4.51 -50.47 5.72
CA ARG A 89 4.28 -49.15 6.29
C ARG A 89 5.54 -48.31 6.02
N TYR A 90 5.35 -47.25 5.22
CA TYR A 90 6.45 -46.36 4.84
C TYR A 90 6.40 -45.01 5.53
N VAL A 91 7.55 -44.33 5.52
CA VAL A 91 7.66 -43.00 6.08
C VAL A 91 7.79 -42.14 4.84
N LEU A 92 8.24 -40.91 5.05
CA LEU A 92 8.43 -39.98 3.95
C LEU A 92 9.44 -38.97 4.40
N LYS A 93 10.45 -38.72 3.59
CA LYS A 93 11.44 -37.73 3.98
C LYS A 93 11.52 -36.73 2.86
N ILE A 94 11.26 -35.47 3.21
CA ILE A 94 11.31 -34.40 2.24
C ILE A 94 12.54 -33.54 2.48
N HIS A 95 13.42 -33.49 1.48
CA HIS A 95 14.64 -32.72 1.55
C HIS A 95 14.69 -31.71 0.40
N LEU A 96 15.04 -30.48 0.73
CA LEU A 96 15.12 -29.40 -0.26
C LEU A 96 16.32 -28.48 0.00
N LYS A 97 16.84 -27.90 -1.08
CA LYS A 97 18.01 -26.99 -1.01
C LYS A 97 17.64 -25.61 -1.59
N ASP A 98 17.95 -24.56 -0.85
CA ASP A 98 17.64 -23.21 -1.28
C ASP A 98 18.82 -22.56 -1.98
N TRP A 99 18.55 -21.51 -2.76
CA TRP A 99 19.59 -20.80 -3.50
C TRP A 99 20.67 -20.19 -2.65
N GLU A 100 20.28 -19.28 -1.75
CA GLU A 100 21.26 -18.63 -0.87
C GLU A 100 22.39 -19.56 -0.46
N GLY A 101 22.06 -20.82 -0.16
CA GLY A 101 23.11 -21.75 0.21
C GLY A 101 22.87 -22.48 1.52
N ASN A 102 21.71 -23.10 1.64
CA ASN A 102 21.35 -23.86 2.84
C ASN A 102 20.61 -25.13 2.41
N GLU A 103 20.08 -25.87 3.39
CA GLU A 103 19.35 -27.11 3.09
C GLU A 103 18.77 -27.74 4.34
N ALA A 104 17.57 -28.29 4.21
CA ALA A 104 16.91 -28.94 5.34
C ALA A 104 15.92 -30.01 4.87
N TYR A 105 15.62 -30.93 5.77
CA TYR A 105 14.71 -32.03 5.50
C TYR A 105 13.51 -32.00 6.44
N SER A 106 12.58 -32.89 6.15
CA SER A 106 11.40 -33.05 6.96
C SER A 106 11.10 -34.52 6.85
N LEU A 107 10.89 -35.14 8.01
CA LEU A 107 10.63 -36.57 8.04
C LEU A 107 9.27 -36.85 8.68
N TYR A 108 8.47 -37.60 7.93
CA TYR A 108 7.13 -38.00 8.35
C TYR A 108 7.27 -39.47 8.83
N GLU A 109 6.58 -39.82 9.91
CA GLU A 109 6.71 -41.17 10.43
C GLU A 109 5.90 -42.18 9.66
N HIS A 110 4.99 -41.71 8.82
CA HIS A 110 4.14 -42.59 8.03
C HIS A 110 3.45 -41.86 6.90
N PHE A 111 3.48 -42.46 5.71
CA PHE A 111 2.86 -41.86 4.52
C PHE A 111 2.22 -42.87 3.59
N TYR A 112 1.14 -42.45 2.95
CA TYR A 112 0.44 -43.27 2.00
C TYR A 112 -0.66 -42.50 1.32
N LEU A 113 -1.06 -42.98 0.15
CA LEU A 113 -2.10 -42.36 -0.64
C LEU A 113 -3.36 -43.24 -0.66
N SER A 114 -4.25 -43.00 -1.63
CA SER A 114 -5.48 -43.77 -1.70
C SER A 114 -5.95 -44.05 -3.11
N SER A 115 -7.14 -44.64 -3.22
CA SER A 115 -7.74 -45.01 -4.50
C SER A 115 -7.87 -43.87 -5.49
N GLU A 116 -7.60 -44.19 -6.76
CA GLU A 116 -7.73 -43.19 -7.81
C GLU A 116 -9.15 -42.64 -7.69
N GLU A 117 -10.07 -43.49 -7.25
CA GLU A 117 -11.45 -43.06 -7.04
C GLU A 117 -11.46 -42.66 -5.57
N LEU A 118 -10.70 -41.62 -5.28
CA LEU A 118 -10.54 -41.09 -3.94
C LEU A 118 -9.45 -40.06 -4.15
N ASN A 119 -9.18 -39.85 -5.44
CA ASN A 119 -8.19 -38.89 -5.93
C ASN A 119 -6.81 -38.91 -5.26
N TYR A 120 -6.35 -40.10 -4.86
CA TYR A 120 -5.04 -40.22 -4.25
C TYR A 120 -4.82 -39.32 -3.05
N ARG A 121 -5.82 -39.26 -2.18
CA ARG A 121 -5.77 -38.46 -0.97
C ARG A 121 -4.49 -38.84 -0.21
N ILE A 122 -3.72 -37.87 0.24
CA ILE A 122 -2.48 -38.17 0.97
C ILE A 122 -2.76 -38.19 2.46
N HIS A 123 -1.91 -38.89 3.21
CA HIS A 123 -2.09 -38.97 4.65
C HIS A 123 -0.69 -38.99 5.25
N LEU A 124 -0.35 -38.00 6.07
CA LEU A 124 0.98 -37.96 6.68
C LEU A 124 0.87 -37.79 8.18
N LYS A 125 1.56 -38.64 8.93
CA LYS A 125 1.52 -38.54 10.39
C LYS A 125 2.90 -38.68 11.04
N GLY A 126 2.99 -38.20 12.27
CA GLY A 126 4.25 -38.25 12.99
C GLY A 126 5.30 -37.42 12.28
N LEU A 127 5.23 -36.10 12.45
CA LEU A 127 6.15 -35.19 11.80
C LEU A 127 7.38 -34.82 12.62
N THR A 128 8.54 -34.88 11.96
CA THR A 128 9.81 -34.54 12.58
C THR A 128 10.53 -33.73 11.50
N GLY A 129 11.76 -33.31 11.77
CA GLY A 129 12.46 -32.57 10.74
C GLY A 129 13.12 -31.26 11.13
N THR A 130 13.80 -30.67 10.16
CA THR A 130 14.48 -29.39 10.35
C THR A 130 13.78 -28.30 9.55
N ALA A 131 12.93 -28.71 8.61
CA ALA A 131 12.21 -27.77 7.76
C ALA A 131 10.82 -27.45 8.26
N GLY A 132 10.67 -27.37 9.58
CA GLY A 132 9.37 -27.03 10.11
C GLY A 132 8.97 -27.78 11.34
N LYS A 133 8.02 -27.20 12.08
CA LYS A 133 7.47 -27.78 13.30
C LYS A 133 6.02 -28.14 12.98
N ILE A 134 5.56 -27.67 11.83
CA ILE A 134 4.21 -27.96 11.41
C ILE A 134 4.31 -28.50 10.00
N SER A 135 3.50 -29.51 9.71
CA SER A 135 3.50 -30.14 8.40
C SER A 135 3.23 -29.12 7.32
N SER A 136 4.20 -28.93 6.44
CA SER A 136 4.07 -27.97 5.36
C SER A 136 3.04 -28.46 4.35
N ILE A 137 2.87 -29.78 4.26
CA ILE A 137 1.87 -30.35 3.36
C ILE A 137 0.60 -30.27 4.17
N SER A 138 -0.40 -29.60 3.62
CA SER A 138 -1.67 -29.40 4.29
C SER A 138 -2.19 -30.57 5.11
N GLN A 139 -2.32 -30.36 6.42
CA GLN A 139 -2.81 -31.40 7.31
C GLN A 139 -4.07 -32.00 6.71
N PRO A 140 -4.59 -33.08 7.32
CA PRO A 140 -5.78 -33.63 6.70
C PRO A 140 -5.65 -33.62 5.17
N GLY A 141 -4.74 -34.46 4.72
CA GLY A 141 -4.44 -34.62 3.32
C GLY A 141 -5.66 -34.49 2.47
N ASN A 142 -5.53 -33.67 1.45
CA ASN A 142 -6.61 -33.41 0.55
C ASN A 142 -6.35 -34.26 -0.67
N ASP A 143 -7.24 -34.20 -1.66
CA ASP A 143 -7.04 -34.97 -2.86
C ASP A 143 -5.95 -34.34 -3.70
N PHE A 144 -5.30 -35.16 -4.51
CA PHE A 144 -4.24 -34.69 -5.39
C PHE A 144 -4.95 -33.94 -6.51
N SER A 145 -4.52 -32.71 -6.79
CA SER A 145 -5.13 -31.91 -7.85
C SER A 145 -4.19 -31.65 -8.99
N THR A 146 -4.75 -31.45 -10.16
CA THR A 146 -3.96 -31.18 -11.36
C THR A 146 -4.64 -30.16 -12.22
N LYS A 147 -4.03 -29.86 -13.36
CA LYS A 147 -4.59 -28.90 -14.29
C LYS A 147 -6.09 -29.14 -14.41
N ASP A 148 -6.46 -30.41 -14.61
CA ASP A 148 -7.87 -30.76 -14.74
C ASP A 148 -8.33 -31.59 -13.55
N GLY A 149 -7.57 -31.50 -12.47
CA GLY A 149 -7.93 -32.27 -11.29
C GLY A 149 -8.43 -31.45 -10.11
N ASP A 150 -9.44 -30.63 -10.35
CA ASP A 150 -10.00 -29.80 -9.28
C ASP A 150 -10.65 -30.68 -8.22
N ASN A 151 -9.88 -30.99 -7.20
CA ASN A 151 -10.32 -31.81 -6.09
C ASN A 151 -9.66 -31.21 -4.86
N ASP A 152 -9.79 -29.89 -4.76
CA ASP A 152 -9.23 -29.10 -3.68
C ASP A 152 -10.37 -28.46 -2.89
N LYS A 153 -10.03 -27.53 -2.01
CA LYS A 153 -11.05 -26.86 -1.23
C LYS A 153 -11.16 -25.36 -1.50
N CYS A 154 -10.28 -24.81 -2.33
CA CYS A 154 -10.40 -23.39 -2.64
C CYS A 154 -11.74 -23.24 -3.31
N ILE A 155 -12.36 -22.08 -3.14
CA ILE A 155 -13.64 -21.87 -3.79
C ILE A 155 -13.25 -21.59 -5.23
N CYS A 156 -11.97 -21.84 -5.50
CA CYS A 156 -11.33 -21.66 -6.79
C CYS A 156 -10.52 -22.90 -7.12
N LYS A 157 -9.70 -22.82 -8.16
CA LYS A 157 -8.88 -23.97 -8.57
C LYS A 157 -7.38 -23.72 -8.42
N CYS A 158 -6.83 -24.14 -7.29
CA CYS A 158 -5.42 -23.93 -6.97
C CYS A 158 -4.41 -24.44 -7.99
N SER A 159 -4.73 -25.54 -8.67
CA SER A 159 -3.81 -26.10 -9.66
C SER A 159 -3.52 -25.14 -10.83
N GLN A 160 -4.58 -24.67 -11.51
CA GLN A 160 -4.39 -23.76 -12.63
C GLN A 160 -3.80 -22.47 -12.09
N MET A 161 -3.96 -22.30 -10.77
CA MET A 161 -3.48 -21.13 -10.08
C MET A 161 -2.00 -21.26 -9.76
N LEU A 162 -1.62 -22.35 -9.10
CA LEU A 162 -0.23 -22.55 -8.70
C LEU A 162 0.67 -23.40 -9.62
N THR A 163 0.14 -23.84 -10.77
CA THR A 163 0.90 -24.65 -11.73
C THR A 163 1.38 -25.97 -11.16
N GLY A 164 1.00 -27.09 -11.80
CA GLY A 164 1.41 -28.42 -11.37
C GLY A 164 0.49 -29.13 -10.41
N GLY A 165 0.63 -30.45 -10.32
CA GLY A 165 -0.20 -31.22 -9.42
C GLY A 165 0.35 -31.28 -8.01
N TRP A 166 -0.56 -31.19 -7.04
CA TRP A 166 -0.14 -31.24 -5.65
C TRP A 166 -1.36 -31.31 -4.75
N TRP A 167 -1.15 -31.79 -3.53
CA TRP A 167 -2.21 -31.93 -2.54
C TRP A 167 -2.73 -30.60 -1.96
N PHE A 168 -3.10 -29.67 -2.84
CA PHE A 168 -3.59 -28.35 -2.42
C PHE A 168 -4.81 -28.35 -1.53
N ASP A 169 -4.79 -27.53 -0.49
CA ASP A 169 -5.94 -27.39 0.40
C ASP A 169 -6.84 -26.39 -0.33
N ALA A 170 -6.83 -25.15 0.16
CA ALA A 170 -7.56 -24.03 -0.47
C ALA A 170 -6.36 -23.26 -0.93
N CYS A 171 -5.37 -24.04 -1.36
CA CYS A 171 -4.06 -23.60 -1.83
C CYS A 171 -3.26 -23.54 -0.54
N GLY A 172 -2.71 -24.69 -0.17
CA GLY A 172 -1.94 -24.81 1.06
C GLY A 172 -0.59 -24.13 1.19
N PRO A 173 0.15 -24.44 2.27
CA PRO A 173 1.46 -23.85 2.49
C PRO A 173 2.50 -24.52 1.63
N SER A 174 2.04 -25.40 0.74
CA SER A 174 2.99 -26.11 -0.09
C SER A 174 2.59 -26.46 -1.50
N ASN A 175 3.62 -26.64 -2.32
CA ASN A 175 3.53 -27.05 -3.70
C ASN A 175 4.97 -27.20 -4.17
N LEU A 176 5.46 -28.44 -4.22
CA LEU A 176 6.83 -28.73 -4.63
C LEU A 176 6.88 -28.95 -6.13
N ASN A 177 5.74 -28.70 -6.77
CA ASN A 177 5.62 -28.84 -8.20
C ASN A 177 5.11 -27.50 -8.72
N GLY A 178 6.01 -26.50 -8.79
CA GLY A 178 5.60 -25.20 -9.27
C GLY A 178 6.69 -24.32 -9.84
N MET A 179 6.64 -24.12 -11.15
CA MET A 179 7.58 -23.28 -11.88
C MET A 179 8.97 -23.13 -11.26
N TYR A 180 9.94 -23.86 -11.81
CA TYR A 180 11.32 -23.80 -11.32
C TYR A 180 11.88 -22.45 -11.66
N TYR A 181 11.96 -21.59 -10.66
CA TYR A 181 12.49 -20.27 -10.91
C TYR A 181 13.97 -20.24 -10.58
N PRO A 182 14.75 -19.59 -11.46
CA PRO A 182 16.21 -19.42 -11.37
C PRO A 182 16.71 -18.63 -10.16
N GLN A 183 18.03 -18.54 -10.04
CA GLN A 183 18.67 -17.84 -8.94
C GLN A 183 18.07 -16.45 -8.70
N ARG A 184 18.42 -15.48 -9.53
CA ARG A 184 17.93 -14.11 -9.38
C ARG A 184 16.50 -13.94 -9.86
N GLN A 185 15.58 -14.70 -9.24
CA GLN A 185 14.17 -14.66 -9.58
C GLN A 185 13.50 -15.61 -8.62
N ASN A 186 14.20 -15.94 -7.54
CA ASN A 186 13.69 -16.88 -6.55
C ASN A 186 12.90 -16.24 -5.43
N THR A 187 12.33 -15.07 -5.66
CA THR A 187 11.56 -14.42 -4.61
C THR A 187 10.23 -13.85 -5.03
N ASN A 188 9.40 -13.62 -4.02
CA ASN A 188 8.08 -13.06 -4.20
C ASN A 188 7.44 -13.61 -5.45
N LYS A 189 7.34 -14.94 -5.48
CA LYS A 189 6.73 -15.67 -6.59
C LYS A 189 5.70 -16.61 -5.98
N PHE A 190 4.51 -16.65 -6.57
CA PHE A 190 3.44 -17.50 -6.07
C PHE A 190 3.41 -18.92 -6.62
N ASN A 191 3.61 -19.06 -7.92
CA ASN A 191 3.60 -20.38 -8.54
C ASN A 191 4.98 -21.02 -8.50
N GLY A 192 5.71 -20.75 -7.42
CA GLY A 192 7.04 -21.30 -7.26
C GLY A 192 7.11 -22.45 -6.27
N ILE A 193 8.20 -23.20 -6.31
CA ILE A 193 8.42 -24.35 -5.44
C ILE A 193 8.58 -23.90 -3.99
N LYS A 194 7.49 -23.90 -3.23
CA LYS A 194 7.54 -23.45 -1.84
C LYS A 194 7.16 -24.49 -0.80
N TRP A 195 7.82 -24.39 0.36
CA TRP A 195 7.57 -25.29 1.47
C TRP A 195 7.32 -24.44 2.70
N TYR A 196 6.83 -23.23 2.47
CA TYR A 196 6.49 -22.26 3.52
C TYR A 196 7.31 -22.22 4.80
N TYR A 197 6.87 -23.02 5.78
CA TYR A 197 7.51 -23.11 7.08
C TYR A 197 9.05 -23.20 7.16
N TRP A 198 9.74 -23.38 6.03
CA TRP A 198 11.20 -23.41 6.06
C TRP A 198 11.80 -22.16 5.44
N LYS A 199 11.07 -21.58 4.51
CA LYS A 199 11.48 -20.34 3.87
C LYS A 199 10.29 -19.40 4.00
N GLY A 200 9.83 -18.88 2.88
CA GLY A 200 8.69 -17.98 2.91
C GLY A 200 7.69 -18.35 1.84
N SER A 201 6.53 -17.71 1.84
CA SER A 201 5.54 -18.01 0.82
C SER A 201 6.08 -17.55 -0.52
N GLY A 202 6.95 -16.54 -0.47
CA GLY A 202 7.50 -16.00 -1.69
C GLY A 202 8.76 -16.68 -2.19
N TYR A 203 9.25 -17.68 -1.47
CA TYR A 203 10.47 -18.36 -1.89
C TYR A 203 10.24 -19.51 -2.86
N SER A 204 11.19 -19.72 -3.77
CA SER A 204 11.13 -20.80 -4.75
C SER A 204 12.39 -21.60 -4.58
N LEU A 205 12.28 -22.75 -3.90
CA LEU A 205 13.42 -23.62 -3.64
C LEU A 205 14.27 -23.89 -4.87
N LYS A 206 15.52 -24.29 -4.63
CA LYS A 206 16.46 -24.58 -5.72
C LYS A 206 16.48 -26.08 -5.96
N ALA A 207 16.25 -26.83 -4.89
CA ALA A 207 16.25 -28.27 -4.96
C ALA A 207 15.06 -28.82 -4.18
N THR A 208 14.60 -29.99 -4.62
CA THR A 208 13.44 -30.62 -4.01
C THR A 208 13.44 -32.10 -4.26
N THR A 209 13.80 -32.87 -3.23
CA THR A 209 13.83 -34.34 -3.30
C THR A 209 12.84 -34.97 -2.33
N MET A 210 11.84 -35.67 -2.86
CA MET A 210 10.86 -36.35 -2.02
C MET A 210 11.15 -37.85 -2.16
N MET A 211 11.38 -38.56 -1.05
CA MET A 211 11.70 -39.99 -1.12
C MET A 211 11.07 -40.79 0.03
N ILE A 212 10.89 -42.10 -0.16
CA ILE A 212 10.27 -42.97 0.87
C ILE A 212 10.95 -44.29 1.20
N ARG A 213 10.72 -44.76 2.42
CA ARG A 213 11.24 -46.02 2.92
C ARG A 213 10.21 -46.56 3.92
N PRO A 214 10.43 -47.76 4.46
CA PRO A 214 9.48 -48.32 5.43
C PRO A 214 9.86 -48.16 6.92
N ALA A 215 11.00 -48.77 7.28
CA ALA A 215 11.53 -48.76 8.64
C ALA A 215 12.55 -49.93 8.78
N ASP A 216 13.57 -49.90 7.93
CA ASP A 216 14.61 -50.94 7.92
C ASP A 216 15.70 -50.64 8.94
N ALA B 1 0.68 29.26 -4.54
CA ALA B 1 0.94 29.12 -6.00
C ALA B 1 0.07 28.02 -6.62
N MET B 2 -0.45 27.14 -5.76
CA MET B 2 -1.31 26.03 -6.16
C MET B 2 -1.86 25.27 -4.95
N ASP B 3 -3.15 25.46 -4.65
CA ASP B 3 -3.81 24.80 -3.52
C ASP B 3 -4.81 23.84 -4.09
N LEU B 4 -4.41 22.57 -4.17
CA LEU B 4 -5.26 21.54 -4.71
C LEU B 4 -5.78 20.80 -3.51
N ILE B 5 -6.96 20.21 -3.61
CA ILE B 5 -7.51 19.46 -2.50
C ILE B 5 -8.45 18.45 -3.06
N LEU B 6 -8.01 17.21 -3.16
CA LEU B 6 -8.86 16.16 -3.70
C LEU B 6 -9.81 15.69 -2.61
N ILE B 7 -11.07 15.47 -2.97
CA ILE B 7 -12.01 15.01 -1.99
C ILE B 7 -12.51 13.61 -2.34
N ASN B 8 -12.58 12.74 -1.34
CA ASN B 8 -13.01 11.37 -1.53
C ASN B 8 -14.31 11.21 -0.77
N SER B 9 -15.43 11.13 -1.47
CA SER B 9 -16.72 10.94 -0.80
C SER B 9 -16.71 9.49 -0.35
N LEU B 10 -16.27 9.29 0.90
CA LEU B 10 -16.15 7.98 1.53
C LEU B 10 -15.48 6.96 0.62
N PRO B 11 -14.20 6.69 0.87
CA PRO B 11 -13.44 5.73 0.08
C PRO B 11 -14.02 4.33 0.14
N LEU B 12 -14.93 4.11 1.07
CA LEU B 12 -15.56 2.80 1.19
C LEU B 12 -16.89 2.77 0.46
N VAL B 13 -16.86 2.40 -0.82
CA VAL B 13 -18.04 2.34 -1.69
C VAL B 13 -19.11 1.32 -1.33
N SER B 14 -20.36 1.73 -1.31
CA SER B 14 -21.42 0.79 -0.97
C SER B 14 -22.50 0.91 -2.02
N ASP B 15 -23.72 0.55 -1.64
CA ASP B 15 -24.85 0.64 -2.54
C ASP B 15 -25.06 2.12 -2.85
N ALA B 16 -24.54 2.98 -1.98
CA ALA B 16 -24.70 4.43 -2.14
C ALA B 16 -23.68 5.01 -3.12
N GLU B 17 -24.00 6.18 -3.67
CA GLU B 17 -23.16 6.87 -4.63
C GLU B 17 -21.89 7.43 -4.00
N THR B 18 -20.78 7.35 -4.73
CA THR B 18 -19.51 7.89 -4.25
C THR B 18 -19.02 8.91 -5.27
N SER B 19 -17.98 9.64 -4.92
CA SER B 19 -17.44 10.65 -5.82
C SER B 19 -16.03 11.13 -5.46
N LEU B 20 -15.44 11.85 -6.40
CA LEU B 20 -14.10 12.41 -6.25
C LEU B 20 -14.26 13.88 -6.65
N THR B 21 -13.60 14.75 -5.91
CA THR B 21 -13.66 16.18 -6.17
C THR B 21 -12.26 16.78 -6.03
N CYS B 22 -11.75 17.34 -7.13
CA CYS B 22 -10.42 17.94 -7.15
C CYS B 22 -10.64 19.43 -7.26
N ILE B 23 -10.64 20.10 -6.11
CA ILE B 23 -10.84 21.54 -5.99
C ILE B 23 -9.52 22.29 -6.05
N ALA B 24 -9.49 23.39 -6.77
CA ALA B 24 -8.31 24.22 -6.82
C ALA B 24 -8.81 25.55 -6.25
N SER B 25 -8.43 25.86 -5.01
CA SER B 25 -8.89 27.09 -4.39
C SER B 25 -7.79 28.14 -4.31
N GLY B 26 -8.09 29.32 -4.85
CA GLY B 26 -7.12 30.41 -4.86
C GLY B 26 -6.66 30.73 -6.27
N TRP B 27 -6.03 29.76 -6.94
CA TRP B 27 -5.54 29.93 -8.30
C TRP B 27 -6.58 29.53 -9.35
N ARG B 28 -6.66 30.36 -10.39
CA ARG B 28 -7.54 30.16 -11.54
C ARG B 28 -6.53 29.39 -12.41
N PRO B 29 -6.35 28.09 -12.12
CA PRO B 29 -5.39 27.29 -12.89
C PRO B 29 -5.54 27.39 -14.40
N HIS B 30 -4.41 27.54 -15.09
CA HIS B 30 -4.46 27.61 -16.55
C HIS B 30 -4.43 26.18 -17.06
N GLU B 31 -3.33 25.46 -16.81
CA GLU B 31 -3.28 24.07 -17.24
C GLU B 31 -4.48 23.37 -16.60
N PRO B 32 -5.39 22.82 -17.42
CA PRO B 32 -6.60 22.12 -16.98
C PRO B 32 -6.46 21.03 -15.91
N ILE B 33 -7.37 21.05 -14.93
CA ILE B 33 -7.41 20.10 -13.83
C ILE B 33 -7.76 18.68 -14.28
N THR B 34 -6.92 17.72 -13.94
CA THR B 34 -7.13 16.32 -14.33
C THR B 34 -7.62 15.47 -13.18
N ILE B 35 -8.27 14.36 -13.50
CA ILE B 35 -8.75 13.39 -12.53
C ILE B 35 -8.74 12.06 -13.24
N GLY B 36 -8.64 10.97 -12.49
CA GLY B 36 -8.63 9.69 -13.15
C GLY B 36 -7.84 8.59 -12.48
N ARG B 37 -7.85 7.40 -13.06
CA ARG B 37 -7.13 6.29 -12.48
C ARG B 37 -5.62 6.49 -12.57
N ASP B 38 -4.96 6.37 -11.43
CA ASP B 38 -3.52 6.50 -11.34
C ASP B 38 -2.86 5.16 -11.69
N PHE B 39 -3.17 4.65 -12.87
CA PHE B 39 -2.68 3.38 -13.39
C PHE B 39 -1.36 2.83 -12.87
N GLU B 40 -0.38 3.70 -12.64
CA GLU B 40 0.91 3.24 -12.15
C GLU B 40 0.82 2.55 -10.81
N ALA B 41 0.20 3.24 -9.85
CA ALA B 41 0.06 2.71 -8.50
C ALA B 41 -0.58 1.33 -8.42
N LEU B 42 -1.90 1.28 -8.47
CA LEU B 42 -2.57 -0.01 -8.42
C LEU B 42 -2.60 -0.57 -9.83
N MET B 43 -1.66 -1.47 -10.16
CA MET B 43 -1.58 -2.05 -11.50
C MET B 43 -2.66 -3.08 -11.81
N ASN B 44 -2.85 -3.37 -13.10
CA ASN B 44 -3.84 -4.33 -13.56
C ASN B 44 -5.26 -3.77 -13.43
N GLN B 45 -5.38 -2.47 -13.24
CA GLN B 45 -6.69 -1.85 -13.12
C GLN B 45 -7.39 -1.83 -14.47
N HIS B 46 -8.71 -2.02 -14.47
CA HIS B 46 -9.48 -2.01 -15.70
C HIS B 46 -9.61 -0.58 -16.24
N GLN B 47 -9.28 -0.39 -17.51
CA GLN B 47 -9.32 0.93 -18.17
C GLN B 47 -10.67 1.44 -18.66
N ASP B 48 -11.41 2.11 -17.78
CA ASP B 48 -12.72 2.63 -18.12
C ASP B 48 -12.79 4.14 -18.11
N PRO B 49 -13.48 4.73 -19.10
CA PRO B 49 -13.59 6.20 -19.15
C PRO B 49 -14.54 6.73 -18.07
N LEU B 50 -14.04 7.50 -17.12
CA LEU B 50 -14.92 8.06 -16.07
C LEU B 50 -15.20 9.52 -16.38
N GLU B 51 -16.48 9.85 -16.59
CA GLU B 51 -16.87 11.21 -16.93
C GLU B 51 -16.54 12.21 -15.82
N VAL B 52 -15.80 13.26 -16.16
CA VAL B 52 -15.44 14.28 -15.18
C VAL B 52 -16.19 15.58 -15.45
N THR B 53 -17.37 15.71 -14.84
CA THR B 53 -18.18 16.89 -15.02
C THR B 53 -17.71 17.99 -14.07
N GLN B 54 -18.22 19.20 -14.26
CA GLN B 54 -17.81 20.33 -13.45
C GLN B 54 -18.67 20.48 -12.20
N ASP B 55 -18.09 21.03 -11.15
CA ASP B 55 -18.84 21.23 -9.91
C ASP B 55 -19.11 22.70 -9.66
N VAL B 56 -20.31 23.00 -9.21
CA VAL B 56 -20.67 24.40 -8.97
C VAL B 56 -20.98 24.83 -7.55
N THR B 57 -20.41 24.14 -6.55
CA THR B 57 -20.64 24.53 -5.17
C THR B 57 -19.39 25.28 -4.74
N ARG B 58 -18.32 25.12 -5.50
CA ARG B 58 -17.07 25.77 -5.20
C ARG B 58 -16.62 26.45 -6.48
N GLU B 59 -15.88 27.55 -6.34
CA GLU B 59 -15.43 28.31 -7.49
C GLU B 59 -14.76 27.55 -8.62
N TRP B 60 -13.68 26.82 -8.35
CA TRP B 60 -12.99 26.08 -9.41
C TRP B 60 -12.68 24.62 -9.09
N ALA B 61 -13.55 23.70 -9.51
CA ALA B 61 -13.34 22.27 -9.26
C ALA B 61 -14.14 21.27 -10.14
N LYS B 62 -13.50 20.15 -10.48
CA LYS B 62 -14.10 19.10 -11.31
C LYS B 62 -14.48 17.96 -10.39
N LYS B 63 -15.53 17.22 -10.71
CA LYS B 63 -15.95 16.09 -9.86
C LYS B 63 -16.19 14.80 -10.62
N VAL B 64 -16.28 13.71 -9.89
CA VAL B 64 -16.52 12.41 -10.49
C VAL B 64 -17.45 11.57 -9.65
N VAL B 65 -18.70 11.48 -10.07
CA VAL B 65 -19.68 10.70 -9.31
C VAL B 65 -20.08 9.38 -9.97
N TRP B 66 -19.94 8.28 -9.23
CA TRP B 66 -20.31 6.95 -9.72
C TRP B 66 -21.74 6.63 -9.26
N LYS B 67 -22.68 6.83 -10.18
CA LYS B 67 -24.12 6.62 -9.96
C LYS B 67 -24.53 5.27 -9.36
N ARG B 68 -25.40 5.37 -8.36
CA ARG B 68 -25.93 4.23 -7.61
C ARG B 68 -26.18 2.99 -8.50
N GLU B 69 -25.80 1.84 -7.96
CA GLU B 69 -25.92 0.54 -8.64
C GLU B 69 -24.96 0.43 -9.81
N LYS B 70 -24.53 1.57 -10.31
CA LYS B 70 -23.61 1.59 -11.44
C LYS B 70 -22.19 1.45 -10.90
N ALA B 71 -21.99 1.85 -9.65
CA ALA B 71 -20.68 1.76 -9.02
C ALA B 71 -20.14 0.31 -8.96
N SER B 72 -19.55 -0.14 -10.06
CA SER B 72 -19.00 -1.50 -10.16
C SER B 72 -17.49 -1.50 -10.43
N LYS B 73 -17.05 -0.66 -11.36
CA LYS B 73 -15.63 -0.56 -11.67
C LYS B 73 -15.08 0.73 -11.08
N ILE B 74 -15.15 0.83 -9.76
CA ILE B 74 -14.67 2.03 -9.07
C ILE B 74 -13.48 1.77 -8.17
N ASN B 75 -13.15 0.50 -7.95
CA ASN B 75 -12.04 0.17 -7.06
C ASN B 75 -10.66 0.34 -7.66
N GLY B 76 -9.71 0.74 -6.84
CA GLY B 76 -8.35 0.93 -7.32
C GLY B 76 -7.65 2.18 -6.79
N ALA B 77 -6.93 2.87 -7.66
CA ALA B 77 -6.22 4.10 -7.28
C ALA B 77 -6.46 5.24 -8.26
N TYR B 78 -6.96 6.37 -7.76
CA TYR B 78 -7.23 7.54 -8.58
C TYR B 78 -6.32 8.66 -8.12
N PHE B 79 -6.33 9.79 -8.85
CA PHE B 79 -5.49 10.92 -8.51
C PHE B 79 -6.02 12.12 -9.25
N CYS B 80 -5.30 13.24 -9.14
CA CYS B 80 -5.67 14.45 -9.88
C CYS B 80 -4.59 15.50 -9.85
N GLU B 81 -4.23 15.99 -11.04
CA GLU B 81 -3.17 16.97 -11.22
C GLU B 81 -3.66 18.41 -11.12
N GLY B 82 -2.70 19.35 -11.20
CA GLY B 82 -3.01 20.76 -11.13
C GLY B 82 -2.14 21.56 -12.11
N ARG B 83 -0.83 21.34 -12.02
CA ARG B 83 0.16 21.99 -12.90
C ARG B 83 0.25 23.51 -12.95
N VAL B 84 1.33 24.05 -12.38
CA VAL B 84 1.60 25.48 -12.38
C VAL B 84 2.70 25.64 -13.41
N ARG B 85 3.33 26.80 -13.48
CA ARG B 85 4.39 27.04 -14.46
C ARG B 85 5.20 25.78 -14.71
N GLY B 86 4.84 25.04 -15.76
CA GLY B 86 5.55 23.83 -16.13
C GLY B 86 5.61 22.66 -15.15
N GLU B 87 5.59 22.94 -13.84
CA GLU B 87 5.67 21.88 -12.83
C GLU B 87 4.36 21.14 -12.62
N ALA B 88 4.37 20.21 -11.67
CA ALA B 88 3.19 19.40 -11.38
C ALA B 88 2.62 19.58 -9.97
N ILE B 89 1.78 18.63 -9.59
CA ILE B 89 1.13 18.60 -8.29
C ILE B 89 0.00 17.59 -8.43
N ARG B 90 0.08 16.49 -7.68
CA ARG B 90 -0.94 15.43 -7.75
C ARG B 90 -1.34 14.91 -6.38
N ILE B 91 -2.57 14.42 -6.29
CA ILE B 91 -3.08 13.85 -5.05
C ILE B 91 -3.72 12.51 -5.33
N ARG B 92 -3.21 11.46 -4.69
CA ARG B 92 -3.69 10.10 -4.89
C ARG B 92 -4.58 9.56 -3.78
N THR B 93 -5.50 8.66 -4.12
CA THR B 93 -6.38 8.06 -3.13
C THR B 93 -6.75 6.67 -3.56
N MET B 94 -7.79 6.12 -2.94
CA MET B 94 -8.29 4.78 -3.25
C MET B 94 -9.81 4.67 -3.10
N LYS B 95 -10.39 3.69 -3.79
CA LYS B 95 -11.82 3.43 -3.75
C LYS B 95 -11.94 1.93 -3.57
N MET B 96 -12.66 1.50 -2.53
CA MET B 96 -12.80 0.08 -2.26
C MET B 96 -14.16 -0.35 -1.75
N ARG B 97 -14.51 -1.59 -2.06
CA ARG B 97 -15.79 -2.15 -1.64
C ARG B 97 -15.88 -1.97 -0.14
N GLN B 98 -17.05 -1.58 0.36
CA GLN B 98 -17.22 -1.40 1.80
C GLN B 98 -17.28 -2.80 2.38
N GLN B 99 -17.81 -3.72 1.59
CA GLN B 99 -17.93 -5.10 2.01
C GLN B 99 -16.54 -5.71 2.10
N ALA B 100 -16.13 -6.37 1.01
CA ALA B 100 -14.81 -6.99 0.95
C ALA B 100 -14.61 -8.10 1.97
N SER B 101 -13.54 -7.99 2.74
CA SER B 101 -13.21 -9.00 3.74
C SER B 101 -12.27 -8.45 4.80
N PHE B 102 -11.42 -7.51 4.38
CA PHE B 102 -10.47 -6.86 5.28
C PHE B 102 -10.72 -5.36 5.21
N LEU B 103 -10.02 -4.58 6.04
CA LEU B 103 -10.18 -3.14 6.02
C LEU B 103 -8.96 -2.42 6.58
N PRO B 104 -8.33 -1.61 5.74
CA PRO B 104 -7.13 -0.81 5.98
C PRO B 104 -6.87 -0.18 7.35
N ALA B 105 -7.93 0.16 8.07
CA ALA B 105 -7.77 0.80 9.38
C ALA B 105 -7.03 2.10 9.16
N THR B 106 -7.12 2.61 7.93
CA THR B 106 -6.49 3.88 7.50
C THR B 106 -6.18 3.83 6.00
N LEU B 107 -6.43 4.91 5.28
CA LEU B 107 -6.16 4.93 3.84
C LEU B 107 -4.70 5.23 3.53
N THR B 108 -4.10 6.12 4.31
CA THR B 108 -2.71 6.52 4.11
C THR B 108 -1.85 6.33 5.35
N MET B 109 -0.54 6.37 5.17
CA MET B 109 0.36 6.18 6.28
C MET B 109 1.67 6.88 5.99
N THR B 110 1.99 7.92 6.75
CA THR B 110 3.21 8.68 6.51
C THR B 110 4.34 8.32 7.46
N VAL B 111 5.53 8.07 6.90
CA VAL B 111 6.70 7.73 7.68
C VAL B 111 7.92 8.31 7.02
N ASP B 112 8.99 8.40 7.78
CA ASP B 112 10.23 8.96 7.30
C ASP B 112 11.23 7.85 6.97
N LYS B 113 12.13 8.12 6.04
CA LYS B 113 13.13 7.14 5.63
C LYS B 113 13.81 6.39 6.77
N GLY B 114 13.36 5.17 7.06
CA GLY B 114 13.96 4.40 8.12
C GLY B 114 13.13 4.16 9.37
N ASP B 115 11.81 4.11 9.21
CA ASP B 115 10.93 3.85 10.34
C ASP B 115 10.43 2.43 10.21
N ASN B 116 10.40 1.69 11.30
CA ASN B 116 9.88 0.33 11.21
C ASN B 116 8.38 0.61 11.18
N VAL B 117 7.67 0.04 10.20
CA VAL B 117 6.23 0.28 10.08
C VAL B 117 5.36 -0.97 10.03
N ASN B 118 4.08 -0.80 10.32
CA ASN B 118 3.14 -1.92 10.32
C ASN B 118 1.89 -1.64 9.49
N ILE B 119 1.91 -2.10 8.24
CA ILE B 119 0.76 -1.92 7.33
C ILE B 119 -0.26 -2.99 7.73
N SER B 120 -1.28 -2.57 8.47
CA SER B 120 -2.30 -3.51 8.95
C SER B 120 -3.54 -3.68 8.11
N PHE B 121 -4.34 -4.67 8.48
CA PHE B 121 -5.58 -4.98 7.80
C PHE B 121 -6.50 -5.72 8.73
N LYS B 122 -7.67 -5.17 8.99
CA LYS B 122 -8.62 -5.82 9.88
C LYS B 122 -9.35 -6.92 9.16
N LYS B 123 -9.34 -8.11 9.74
CA LYS B 123 -10.02 -9.25 9.16
C LYS B 123 -11.47 -9.03 9.57
N VAL B 124 -12.39 -9.18 8.64
CA VAL B 124 -13.79 -8.94 8.95
C VAL B 124 -14.82 -10.02 8.57
N LEU B 125 -14.70 -10.60 7.38
CA LEU B 125 -15.64 -11.62 6.94
C LEU B 125 -14.99 -12.98 6.75
N ILE B 126 -14.21 -13.41 7.74
CA ILE B 126 -13.49 -14.69 7.72
C ILE B 126 -14.04 -15.86 6.90
N LYS B 127 -13.22 -16.35 5.96
CA LYS B 127 -13.56 -17.49 5.12
C LYS B 127 -12.49 -18.58 5.25
N GLU B 128 -12.83 -19.79 4.82
CA GLU B 128 -11.92 -20.92 4.88
C GLU B 128 -10.87 -20.81 3.76
N GLU B 129 -10.15 -19.69 3.73
CA GLU B 129 -9.14 -19.48 2.69
C GLU B 129 -7.85 -18.83 3.14
N ASP B 130 -6.93 -18.68 2.20
CA ASP B 130 -5.64 -18.10 2.53
C ASP B 130 -5.59 -16.59 2.32
N ALA B 131 -4.67 -15.95 3.04
CA ALA B 131 -4.50 -14.52 2.96
C ALA B 131 -3.37 -14.19 1.99
N VAL B 132 -3.50 -13.07 1.29
CA VAL B 132 -2.51 -12.61 0.34
C VAL B 132 -2.37 -11.10 0.31
N ILE B 133 -1.13 -10.63 0.38
CA ILE B 133 -0.81 -9.20 0.36
C ILE B 133 -0.35 -8.82 -1.04
N TYR B 134 -0.78 -7.66 -1.52
CA TYR B 134 -0.38 -7.25 -2.87
C TYR B 134 0.08 -5.78 -3.03
N LYS B 135 1.38 -5.58 -3.20
CA LYS B 135 1.89 -4.23 -3.36
C LYS B 135 1.82 -3.81 -4.80
N ASN B 136 1.24 -2.69 -5.03
CA ASN B 136 1.06 -2.10 -6.35
C ASN B 136 0.20 -3.02 -7.19
N GLY B 137 -0.45 -3.86 -6.97
CA GLY B 137 -0.97 -4.91 -7.80
C GLY B 137 0.01 -6.04 -8.07
N SER B 138 1.08 -6.09 -7.30
CA SER B 138 2.03 -7.17 -7.48
C SER B 138 1.98 -8.02 -6.22
N PHE B 139 2.18 -9.31 -6.38
CA PHE B 139 2.16 -10.22 -5.24
C PHE B 139 3.42 -10.06 -4.41
N ILE B 140 3.28 -10.17 -3.11
CA ILE B 140 4.44 -10.09 -2.23
C ILE B 140 4.50 -11.45 -1.55
N HIS B 141 3.46 -11.75 -0.78
CA HIS B 141 3.33 -13.03 -0.07
C HIS B 141 1.90 -13.40 0.33
N SER B 142 1.76 -14.53 1.02
CA SER B 142 0.45 -15.00 1.48
C SER B 142 0.53 -15.58 2.89
N VAL B 143 -0.63 -15.88 3.46
CA VAL B 143 -0.70 -16.45 4.80
C VAL B 143 -1.54 -17.73 4.72
N PRO B 144 -1.02 -18.85 5.24
CA PRO B 144 -1.76 -20.12 5.19
C PRO B 144 -3.05 -20.16 6.01
N ARG B 145 -4.12 -20.49 5.30
CA ARG B 145 -5.48 -20.57 5.83
C ARG B 145 -5.67 -20.81 7.33
N HIS B 146 -5.02 -21.83 7.87
CA HIS B 146 -5.19 -22.15 9.28
C HIS B 146 -4.60 -21.16 10.28
N GLU B 147 -3.64 -20.33 9.84
CA GLU B 147 -3.03 -19.34 10.71
C GLU B 147 -3.07 -17.94 10.10
N VAL B 148 -4.28 -17.42 9.93
CA VAL B 148 -4.49 -16.10 9.37
C VAL B 148 -4.73 -15.13 10.51
N PRO B 149 -3.79 -14.20 10.71
CA PRO B 149 -3.87 -13.18 11.78
C PRO B 149 -5.24 -12.55 11.96
N ASP B 150 -5.38 -11.82 13.06
CA ASP B 150 -6.64 -11.14 13.33
C ASP B 150 -6.53 -9.71 12.73
N ILE B 151 -5.35 -9.11 12.90
CA ILE B 151 -5.07 -7.78 12.37
C ILE B 151 -3.89 -7.96 11.44
N LEU B 152 -4.15 -8.60 10.31
CA LEU B 152 -3.13 -8.88 9.31
C LEU B 152 -2.13 -7.76 9.08
N GLU B 153 -0.92 -7.90 9.64
CA GLU B 153 0.13 -6.88 9.49
C GLU B 153 1.04 -7.18 8.30
N VAL B 154 1.98 -6.28 8.08
CA VAL B 154 2.98 -6.40 7.02
C VAL B 154 4.14 -5.60 7.56
N HIS B 155 5.17 -6.28 8.06
CA HIS B 155 6.31 -5.60 8.67
C HIS B 155 7.45 -5.28 7.71
N LEU B 156 7.84 -4.00 7.74
CA LEU B 156 8.91 -3.47 6.91
C LEU B 156 9.75 -2.57 7.80
N PRO B 157 10.82 -3.10 8.38
CA PRO B 157 11.65 -2.24 9.23
C PRO B 157 12.58 -1.41 8.34
N HIS B 158 12.81 -0.15 8.74
CA HIS B 158 13.68 0.76 7.98
C HIS B 158 13.18 1.04 6.54
N ALA B 159 11.93 1.46 6.40
CA ALA B 159 11.35 1.72 5.09
C ALA B 159 12.08 2.78 4.29
N GLN B 160 12.38 2.47 3.03
CA GLN B 160 13.04 3.44 2.17
C GLN B 160 11.92 4.04 1.36
N PRO B 161 12.22 5.05 0.52
CA PRO B 161 11.20 5.69 -0.29
C PRO B 161 10.66 4.81 -1.43
N GLN B 162 11.54 4.07 -2.09
CA GLN B 162 11.09 3.22 -3.18
C GLN B 162 10.35 2.03 -2.61
N ASP B 163 9.99 2.11 -1.34
CA ASP B 163 9.27 1.02 -0.70
C ASP B 163 7.82 1.41 -0.39
N ALA B 164 7.35 2.46 -1.06
CA ALA B 164 6.00 2.92 -0.87
C ALA B 164 5.14 2.51 -2.05
N GLY B 165 3.83 2.52 -1.84
CA GLY B 165 2.92 2.14 -2.90
C GLY B 165 1.56 1.82 -2.33
N VAL B 166 0.86 0.89 -2.96
CA VAL B 166 -0.46 0.49 -2.49
C VAL B 166 -0.49 -0.97 -2.11
N TYR B 167 -0.50 -1.24 -0.81
CA TYR B 167 -0.55 -2.61 -0.32
C TYR B 167 -2.00 -3.08 -0.26
N SER B 168 -2.27 -4.25 -0.80
CA SER B 168 -3.62 -4.78 -0.80
C SER B 168 -3.72 -6.00 0.06
N ALA B 169 -4.94 -6.50 0.19
CA ALA B 169 -5.19 -7.67 0.99
C ALA B 169 -6.52 -8.29 0.60
N ARG B 170 -6.48 -9.56 0.22
CA ARG B 170 -7.67 -10.30 -0.19
C ARG B 170 -7.50 -11.77 0.21
N TYR B 171 -8.62 -12.46 0.37
CA TYR B 171 -8.57 -13.88 0.69
C TYR B 171 -8.29 -14.59 -0.63
N ILE B 172 -7.08 -15.11 -0.80
CA ILE B 172 -6.66 -15.79 -2.04
C ILE B 172 -7.70 -15.81 -3.16
N GLY B 173 -8.74 -16.61 -3.00
CA GLY B 173 -9.75 -16.69 -4.03
C GLY B 173 -10.66 -15.49 -4.05
N GLY B 174 -10.46 -14.61 -5.03
CA GLY B 174 -11.28 -13.40 -5.13
C GLY B 174 -10.70 -12.35 -6.05
N ASN B 175 -11.56 -11.52 -6.62
CA ASN B 175 -11.15 -10.47 -7.56
C ASN B 175 -9.97 -9.64 -7.08
N LEU B 176 -9.31 -9.01 -8.03
CA LEU B 176 -8.16 -8.15 -7.73
C LEU B 176 -8.78 -6.78 -7.42
N PHE B 177 -10.10 -6.78 -7.33
CA PHE B 177 -10.87 -5.59 -7.05
C PHE B 177 -11.70 -5.77 -5.79
N THR B 178 -11.80 -7.01 -5.33
CA THR B 178 -12.55 -7.31 -4.10
C THR B 178 -11.59 -7.08 -2.92
N SER B 179 -10.36 -6.70 -3.28
CA SER B 179 -9.29 -6.45 -2.34
C SER B 179 -9.58 -5.21 -1.51
N ALA B 180 -8.77 -5.00 -0.48
CA ALA B 180 -8.88 -3.85 0.41
C ALA B 180 -7.60 -3.05 0.24
N PHE B 181 -7.72 -1.74 0.01
CA PHE B 181 -6.52 -0.91 -0.20
C PHE B 181 -6.03 -0.05 0.95
N THR B 182 -4.84 0.52 0.76
CA THR B 182 -4.19 1.40 1.73
C THR B 182 -2.81 1.78 1.20
N ARG B 183 -2.53 3.09 1.22
CA ARG B 183 -1.28 3.64 0.74
C ARG B 183 -0.28 3.92 1.87
N LEU B 184 1.00 3.69 1.61
CA LEU B 184 2.08 3.93 2.59
C LEU B 184 2.96 4.98 1.95
N ILE B 185 3.28 6.05 2.67
CA ILE B 185 4.08 7.11 2.08
C ILE B 185 5.38 7.39 2.78
N VAL B 186 6.49 7.10 2.12
CA VAL B 186 7.80 7.35 2.70
C VAL B 186 8.37 8.58 2.05
N ARG B 187 9.05 9.39 2.84
CA ARG B 187 9.63 10.61 2.30
C ARG B 187 11.13 10.52 2.30
N ARG B 188 11.73 11.00 1.23
CA ARG B 188 13.17 10.99 1.03
C ARG B 188 14.06 11.18 2.25
N CYS B 189 13.66 12.09 3.14
CA CYS B 189 14.45 12.36 4.33
C CYS B 189 13.84 11.80 5.58
N GLU B 190 14.47 12.09 6.72
CA GLU B 190 13.96 11.64 8.01
C GLU B 190 13.13 12.75 8.61
N ALA B 191 12.48 12.47 9.72
CA ALA B 191 11.65 13.49 10.32
C ALA B 191 12.43 14.78 10.53
N GLN B 192 11.70 15.89 10.47
CA GLN B 192 12.28 17.20 10.70
C GLN B 192 13.44 17.64 9.77
N LYS B 193 13.83 16.81 8.81
CA LYS B 193 14.91 17.18 7.89
C LYS B 193 14.42 17.20 6.45
N TRP B 194 14.80 18.21 5.69
CA TRP B 194 14.42 18.29 4.27
C TRP B 194 15.66 18.74 3.54
N GLY B 195 15.60 18.79 2.22
CA GLY B 195 16.77 19.24 1.50
C GLY B 195 17.22 18.42 0.31
N PRO B 196 17.94 19.07 -0.61
CA PRO B 196 18.43 18.37 -1.81
C PRO B 196 19.38 17.24 -1.41
N GLU B 197 19.64 17.11 -0.13
CA GLU B 197 20.53 16.08 0.39
C GLU B 197 20.19 15.87 1.87
N CYS B 198 19.03 16.40 2.24
CA CYS B 198 18.53 16.33 3.60
C CYS B 198 19.53 16.92 4.59
N ASN B 199 19.96 18.15 4.31
CA ASN B 199 20.89 18.84 5.19
C ASN B 199 20.31 20.19 5.60
N HIS B 200 18.99 20.23 5.75
CA HIS B 200 18.25 21.41 6.21
C HIS B 200 17.16 20.94 7.15
N LEU B 201 16.71 21.80 8.05
CA LEU B 201 15.68 21.43 9.01
C LEU B 201 14.28 21.93 8.65
N CYS B 202 13.32 21.03 8.81
CA CYS B 202 11.93 21.33 8.52
C CYS B 202 11.36 22.36 9.49
N THR B 203 10.52 23.25 8.98
CA THR B 203 9.90 24.25 9.83
C THR B 203 8.99 23.49 10.76
N ALA B 204 9.56 22.90 11.80
CA ALA B 204 8.77 22.13 12.75
C ALA B 204 7.31 22.56 12.71
N CYS B 205 6.42 21.58 12.57
CA CYS B 205 4.98 21.82 12.51
C CYS B 205 4.27 21.18 13.70
N MET B 206 3.18 21.80 14.13
CA MET B 206 2.38 21.28 15.24
C MET B 206 1.08 20.72 14.66
N ASN B 207 0.11 20.46 15.52
CA ASN B 207 -1.17 19.90 15.08
C ASN B 207 -1.13 18.88 13.95
N ASN B 208 -0.20 17.95 14.09
CA ASN B 208 -0.03 16.84 13.15
C ASN B 208 0.05 17.30 11.72
N GLY B 209 1.07 18.08 11.40
CA GLY B 209 1.22 18.54 10.03
C GLY B 209 2.50 17.93 9.55
N VAL B 210 2.57 17.57 8.27
CA VAL B 210 3.78 16.98 7.75
C VAL B 210 4.60 18.01 7.03
N CYS B 211 5.87 17.71 6.85
CA CYS B 211 6.77 18.62 6.22
C CYS B 211 7.28 18.14 4.90
N HIS B 212 7.20 19.02 3.91
CA HIS B 212 7.65 18.71 2.57
C HIS B 212 9.17 18.68 2.54
N GLU B 213 9.77 17.50 2.36
CA GLU B 213 11.23 17.39 2.32
C GLU B 213 11.84 17.90 1.02
N ASP B 214 11.17 18.87 0.40
CA ASP B 214 11.61 19.48 -0.86
C ASP B 214 11.67 20.98 -0.69
N THR B 215 10.86 21.50 0.22
CA THR B 215 10.79 22.93 0.43
C THR B 215 11.05 23.32 1.86
N GLY B 216 10.49 22.58 2.79
CA GLY B 216 10.71 22.90 4.18
C GLY B 216 9.48 23.45 4.85
N GLU B 217 8.39 23.60 4.10
CA GLU B 217 7.17 24.11 4.71
C GLU B 217 6.24 22.96 5.10
N CYS B 218 5.17 23.28 5.81
CA CYS B 218 4.22 22.26 6.25
C CYS B 218 2.93 22.24 5.45
N ILE B 219 2.40 21.04 5.27
CA ILE B 219 1.12 20.92 4.58
C ILE B 219 0.16 20.69 5.73
N CYS B 220 -0.40 21.76 6.28
CA CYS B 220 -1.30 21.64 7.41
C CYS B 220 -2.45 20.71 7.17
N PRO B 221 -3.09 20.25 8.24
CA PRO B 221 -4.22 19.34 8.13
C PRO B 221 -5.46 20.16 7.90
N PRO B 222 -6.43 19.62 7.16
CA PRO B 222 -7.66 20.35 6.90
C PRO B 222 -8.26 20.84 8.20
N GLY B 223 -7.98 22.10 8.54
CA GLY B 223 -8.51 22.69 9.76
C GLY B 223 -7.59 23.67 10.47
N PHE B 224 -6.35 23.74 10.00
CA PHE B 224 -5.39 24.62 10.60
C PHE B 224 -4.51 25.25 9.52
N MET B 225 -4.04 26.46 9.79
CA MET B 225 -3.21 27.15 8.84
C MET B 225 -1.98 27.67 9.56
N GLY B 226 -1.15 28.44 8.88
CA GLY B 226 0.05 29.00 9.50
C GLY B 226 1.33 28.29 9.16
N ARG B 227 2.42 29.04 9.12
CA ARG B 227 3.71 28.45 8.78
C ARG B 227 4.05 27.23 9.60
N THR B 228 3.34 27.01 10.71
CA THR B 228 3.64 25.87 11.54
C THR B 228 2.39 25.11 11.86
N CYS B 229 1.29 25.54 11.24
CA CYS B 229 -0.01 24.91 11.41
C CYS B 229 -0.62 25.11 12.81
N GLU B 230 -0.05 26.01 13.60
CA GLU B 230 -0.55 26.26 14.95
C GLU B 230 -1.86 27.01 15.01
N LYS B 231 -2.25 27.64 13.92
CA LYS B 231 -3.47 28.43 13.86
C LYS B 231 -4.76 27.66 13.62
N ALA B 232 -5.72 27.84 14.51
CA ALA B 232 -7.01 27.17 14.40
C ALA B 232 -7.99 27.97 13.56
N CYS B 233 -8.30 27.45 12.38
CA CYS B 233 -9.22 28.11 11.46
C CYS B 233 -10.62 28.22 11.98
N GLU B 234 -11.50 28.77 11.15
CA GLU B 234 -12.90 28.90 11.53
C GLU B 234 -13.44 27.47 11.64
N LEU B 235 -14.35 27.28 12.58
CA LEU B 235 -14.94 25.97 12.80
C LEU B 235 -15.55 25.48 11.50
N HIS B 236 -15.22 24.27 11.10
CA HIS B 236 -15.79 23.68 9.90
C HIS B 236 -15.25 24.23 8.58
N THR B 237 -13.99 24.62 8.52
CA THR B 237 -13.45 25.14 7.27
C THR B 237 -12.37 24.22 6.74
N PHE B 238 -11.82 24.58 5.58
CA PHE B 238 -10.69 23.87 4.98
C PHE B 238 -10.20 24.70 3.82
N GLY B 239 -9.00 24.38 3.34
CA GLY B 239 -8.41 25.15 2.25
C GLY B 239 -7.10 25.71 2.75
N ARG B 240 -6.14 25.93 1.85
CA ARG B 240 -4.84 26.42 2.26
C ARG B 240 -4.85 27.56 3.30
N THR B 241 -5.91 28.36 3.29
CA THR B 241 -6.00 29.49 4.22
C THR B 241 -7.38 29.55 4.81
N CYS B 242 -8.17 28.54 4.53
CA CYS B 242 -9.53 28.49 5.04
C CYS B 242 -10.36 29.57 4.40
N LYS B 243 -11.22 29.13 3.50
CA LYS B 243 -12.13 29.97 2.74
C LYS B 243 -13.03 28.99 2.00
N GLU B 244 -12.98 27.74 2.47
CA GLU B 244 -13.76 26.63 1.91
C GLU B 244 -14.64 25.99 3.00
N ARG B 245 -15.96 26.14 2.87
CA ARG B 245 -16.88 25.59 3.85
C ARG B 245 -17.24 24.14 3.59
N CYS B 246 -17.11 23.30 4.61
CA CYS B 246 -17.50 21.90 4.49
C CYS B 246 -19.01 22.10 4.26
N SER B 247 -19.56 21.39 3.29
CA SER B 247 -20.97 21.53 2.96
C SER B 247 -21.94 20.97 3.99
N GLY B 248 -22.14 19.66 3.89
CA GLY B 248 -23.04 18.90 4.74
C GLY B 248 -23.28 19.25 6.19
N GLN B 249 -24.52 19.65 6.48
CA GLN B 249 -25.00 20.01 7.82
C GLN B 249 -24.09 19.68 9.01
N GLU B 250 -23.85 18.38 9.25
CA GLU B 250 -23.00 18.00 10.39
C GLU B 250 -21.54 18.30 10.08
N GLY B 251 -21.17 19.58 10.13
CA GLY B 251 -19.79 19.93 9.85
C GLY B 251 -19.19 19.20 8.65
N CYS B 252 -18.19 18.35 8.89
CA CYS B 252 -17.55 17.61 7.81
C CYS B 252 -17.74 16.08 7.96
N LYS B 253 -18.76 15.68 8.71
CA LYS B 253 -19.06 14.27 9.00
C LYS B 253 -19.19 13.30 7.81
N SER B 254 -18.29 13.36 6.83
CA SER B 254 -18.37 12.43 5.72
C SER B 254 -17.39 12.74 4.62
N TYR B 255 -16.42 13.61 4.91
CA TYR B 255 -15.42 14.00 3.91
C TYR B 255 -14.02 13.52 4.26
N VAL B 256 -13.42 12.74 3.37
CA VAL B 256 -12.09 12.27 3.63
C VAL B 256 -11.20 13.15 2.80
N PHE B 257 -10.53 14.11 3.43
CA PHE B 257 -9.64 15.01 2.71
C PHE B 257 -8.26 14.44 2.35
N CYS B 258 -7.70 14.87 1.21
CA CYS B 258 -6.39 14.40 0.77
C CYS B 258 -5.58 15.58 0.29
N LEU B 259 -4.35 15.71 0.76
CA LEU B 259 -3.51 16.82 0.34
C LEU B 259 -2.27 16.33 -0.38
N PRO B 260 -1.46 17.25 -0.93
CA PRO B 260 -0.24 16.86 -1.62
C PRO B 260 0.54 15.77 -0.89
N ASP B 261 0.97 14.77 -1.66
CA ASP B 261 1.64 13.59 -1.13
C ASP B 261 2.53 13.66 0.09
N PRO B 262 3.15 14.80 0.38
CA PRO B 262 3.93 14.64 1.60
C PRO B 262 3.07 14.46 2.84
N TYR B 263 1.77 14.74 2.71
CA TYR B 263 0.78 14.62 3.79
C TYR B 263 -0.02 13.32 3.72
N GLY B 264 -0.94 13.24 2.76
CA GLY B 264 -1.75 12.03 2.61
C GLY B 264 -3.23 12.30 2.56
N CYS B 265 -3.99 11.54 3.35
CA CYS B 265 -5.44 11.69 3.40
C CYS B 265 -5.89 11.45 4.83
N SER B 266 -6.43 12.48 5.47
CA SER B 266 -6.92 12.36 6.83
C SER B 266 -8.33 12.92 6.88
N CYS B 267 -9.03 12.66 7.96
CA CYS B 267 -10.35 13.23 8.09
C CYS B 267 -10.08 14.68 8.48
N ALA B 268 -11.11 15.53 8.46
CA ALA B 268 -10.94 16.94 8.84
C ALA B 268 -10.82 16.93 10.36
N THR B 269 -10.16 17.93 10.93
CA THR B 269 -10.02 17.93 12.37
C THR B 269 -11.36 17.85 13.04
N GLY B 270 -11.55 16.82 13.84
CA GLY B 270 -12.81 16.68 14.53
C GLY B 270 -13.49 15.35 14.30
N TRP B 271 -12.94 14.54 13.41
CA TRP B 271 -13.58 13.26 13.17
C TRP B 271 -12.63 12.07 13.06
N LYS B 272 -13.02 11.00 13.74
CA LYS B 272 -12.30 9.75 13.80
C LYS B 272 -13.08 8.89 12.82
N GLY B 273 -12.42 7.93 12.19
CA GLY B 273 -13.14 7.07 11.26
C GLY B 273 -12.42 6.69 9.99
N LEU B 274 -13.05 5.83 9.21
CA LEU B 274 -12.49 5.38 7.95
C LEU B 274 -13.36 6.06 6.91
N GLN B 275 -14.49 6.57 7.40
CA GLN B 275 -15.46 7.28 6.59
C GLN B 275 -15.68 8.63 7.31
N CYS B 276 -14.91 8.83 8.37
CA CYS B 276 -14.96 10.05 9.17
C CYS B 276 -16.33 10.33 9.73
N ASN B 277 -17.13 9.28 9.94
CA ASN B 277 -18.48 9.41 10.47
C ASN B 277 -18.51 9.60 11.98
N GLU B 278 -17.39 9.36 12.62
CA GLU B 278 -17.30 9.45 14.06
C GLU B 278 -16.61 10.69 14.62
N ALA B 279 -17.28 11.39 15.52
CA ALA B 279 -16.72 12.57 16.16
C ALA B 279 -15.65 12.05 17.10
N CYS B 280 -15.11 12.91 17.97
CA CYS B 280 -14.03 12.48 18.85
C CYS B 280 -14.20 12.41 20.32
N HIS B 281 -13.76 11.29 20.89
CA HIS B 281 -13.81 11.05 22.32
C HIS B 281 -13.22 12.29 22.97
N PRO B 282 -13.71 12.64 24.15
CA PRO B 282 -13.24 13.83 24.88
C PRO B 282 -11.78 13.73 25.29
N GLY B 283 -11.04 14.81 25.09
CA GLY B 283 -9.64 14.83 25.46
C GLY B 283 -8.68 14.88 24.29
N PHE B 284 -9.12 14.44 23.12
CA PHE B 284 -8.29 14.46 21.92
C PHE B 284 -8.84 15.53 21.00
N TYR B 285 -8.17 15.83 19.87
CA TYR B 285 -8.70 16.89 19.03
C TYR B 285 -8.33 17.08 17.54
N GLY B 286 -7.10 16.82 17.14
CA GLY B 286 -6.76 17.06 15.74
C GLY B 286 -7.45 16.29 14.62
N PRO B 287 -6.75 16.06 13.51
CA PRO B 287 -7.35 15.32 12.42
C PRO B 287 -7.20 13.85 12.79
N ASP B 288 -8.31 13.10 12.70
CA ASP B 288 -8.33 11.68 13.07
C ASP B 288 -7.99 11.68 14.54
N CYS B 289 -8.22 12.84 15.13
CA CYS B 289 -7.96 13.12 16.52
C CYS B 289 -6.73 12.47 17.07
N LYS B 290 -5.67 12.51 16.28
CA LYS B 290 -4.46 11.92 16.73
C LYS B 290 -3.80 12.84 17.75
N LEU B 291 -4.45 13.95 18.08
CA LEU B 291 -3.90 14.91 19.03
C LEU B 291 -4.49 14.90 20.43
N ARG B 292 -3.64 14.71 21.42
CA ARG B 292 -4.10 14.66 22.81
C ARG B 292 -3.94 16.03 23.51
N CYS B 293 -5.05 16.61 23.94
CA CYS B 293 -5.01 17.90 24.62
C CYS B 293 -4.22 17.85 25.90
N SER B 294 -3.01 18.38 25.88
CA SER B 294 -2.21 18.42 27.10
C SER B 294 -2.39 19.85 27.63
N CYS B 295 -3.64 20.31 27.66
CA CYS B 295 -3.96 21.66 28.13
C CYS B 295 -3.57 21.69 29.58
N ASN B 296 -2.70 22.63 29.91
CA ASN B 296 -2.14 22.79 31.26
C ASN B 296 -3.05 22.97 32.46
N ASN B 297 -3.58 24.17 32.59
CA ASN B 297 -4.44 24.51 33.71
C ASN B 297 -5.87 24.01 33.55
N GLY B 298 -6.00 22.87 32.87
CA GLY B 298 -7.29 22.25 32.65
C GLY B 298 -8.32 23.08 31.93
N GLU B 299 -8.06 23.37 30.65
CA GLU B 299 -8.99 24.18 29.85
C GLU B 299 -9.84 23.36 28.90
N MET B 300 -10.92 23.95 28.41
CA MET B 300 -11.78 23.26 27.47
C MET B 300 -10.94 22.72 26.32
N CYS B 301 -11.21 21.48 25.92
CA CYS B 301 -10.52 20.86 24.80
C CYS B 301 -11.61 20.77 23.73
N ASP B 302 -11.49 21.58 22.67
CA ASP B 302 -12.50 21.54 21.62
C ASP B 302 -12.04 20.59 20.55
N ARG B 303 -12.89 19.63 20.22
CA ARG B 303 -12.57 18.64 19.20
C ARG B 303 -12.28 19.20 17.81
N PHE B 304 -11.98 20.48 17.70
CA PHE B 304 -11.66 21.03 16.39
C PHE B 304 -10.48 21.94 16.46
N GLN B 305 -10.47 22.80 17.47
CA GLN B 305 -9.40 23.78 17.63
C GLN B 305 -8.33 23.40 18.64
N GLY B 306 -8.70 22.69 19.70
CA GLY B 306 -7.73 22.30 20.70
C GLY B 306 -8.07 22.81 22.08
N CYS B 307 -7.17 23.57 22.68
CA CYS B 307 -7.42 24.12 23.99
C CYS B 307 -7.94 25.53 23.82
N LEU B 308 -8.85 25.94 24.68
CA LEU B 308 -9.40 27.29 24.62
C LEU B 308 -8.96 28.00 25.89
N CYS B 309 -7.70 28.39 25.95
CA CYS B 309 -7.18 29.02 27.15
C CYS B 309 -7.94 30.25 27.65
N SER B 310 -7.72 30.54 28.93
CA SER B 310 -8.33 31.70 29.59
C SER B 310 -7.70 32.92 29.00
N PRO B 311 -8.40 34.05 29.02
CA PRO B 311 -7.76 35.22 28.45
C PRO B 311 -6.51 35.60 29.25
N GLY B 312 -5.43 35.92 28.54
CA GLY B 312 -4.18 36.28 29.17
C GLY B 312 -3.09 35.31 28.80
N TRP B 313 -3.50 34.13 28.37
CA TRP B 313 -2.59 33.06 28.00
C TRP B 313 -2.92 32.36 26.68
N GLN B 314 -1.88 32.05 25.90
CA GLN B 314 -2.07 31.35 24.64
C GLN B 314 -1.05 30.21 24.58
N GLY B 315 -1.07 29.47 23.48
CA GLY B 315 -0.15 28.35 23.32
C GLY B 315 -0.87 27.07 22.92
N LEU B 316 -0.19 26.20 22.19
CA LEU B 316 -0.82 24.97 21.79
C LEU B 316 -1.48 24.36 23.01
N GLN B 317 -0.82 24.52 24.16
CA GLN B 317 -1.28 23.98 25.43
C GLN B 317 -1.43 25.06 26.49
N CYS B 318 -1.41 26.32 26.10
CA CYS B 318 -1.55 27.42 27.05
C CYS B 318 -0.29 27.57 27.90
N GLU B 319 0.82 27.01 27.46
CA GLU B 319 2.06 27.11 28.23
C GLU B 319 2.82 28.41 28.02
N ARG B 320 2.09 29.52 27.94
CA ARG B 320 2.75 30.79 27.70
C ARG B 320 1.82 31.98 27.82
N GLU B 321 2.29 33.02 28.50
CA GLU B 321 1.51 34.25 28.68
C GLU B 321 2.11 35.27 27.72
N GLY B 322 1.32 36.26 27.31
CA GLY B 322 1.83 37.25 26.39
C GLY B 322 0.76 37.90 25.55
N ILE B 323 1.11 38.98 24.85
CA ILE B 323 0.15 39.66 24.00
C ILE B 323 -0.36 38.73 22.92
N PRO B 324 -1.68 38.48 22.91
CA PRO B 324 -2.30 37.60 21.92
C PRO B 324 -1.87 37.90 20.49
N ARG B 325 -1.49 36.88 19.73
CA ARG B 325 -1.06 37.06 18.35
C ARG B 325 -2.29 37.14 17.43
N MET B 326 -2.25 38.06 16.47
CA MET B 326 -3.35 38.28 15.54
C MET B 326 -2.86 38.00 14.13
N THR B 327 -3.59 37.19 13.36
CA THR B 327 -3.18 36.85 12.00
C THR B 327 -3.03 38.09 11.14
N PRO B 328 -2.35 37.97 10.00
CA PRO B 328 -2.13 39.09 9.11
C PRO B 328 -3.30 39.47 8.24
N LYS B 329 -3.20 40.65 7.65
CA LYS B 329 -4.21 41.20 6.75
C LYS B 329 -3.46 41.98 5.70
N ILE B 330 -3.77 41.72 4.44
CA ILE B 330 -3.11 42.43 3.38
C ILE B 330 -3.95 43.68 3.25
N VAL B 331 -3.50 44.77 3.85
CA VAL B 331 -4.26 46.01 3.85
C VAL B 331 -3.90 47.06 2.81
N ASP B 332 -4.87 47.92 2.50
CA ASP B 332 -4.64 48.98 1.53
C ASP B 332 -4.19 48.45 0.18
N LEU B 333 -5.09 47.81 -0.55
CA LEU B 333 -4.76 47.27 -1.87
C LEU B 333 -5.87 47.46 -2.88
N PRO B 334 -5.62 48.19 -3.97
CA PRO B 334 -6.63 48.43 -5.00
C PRO B 334 -7.11 47.13 -5.61
N ASP B 335 -8.25 47.19 -6.31
CA ASP B 335 -8.80 46.02 -6.96
C ASP B 335 -8.36 46.02 -8.43
N HIS B 336 -8.06 47.21 -8.95
CA HIS B 336 -7.61 47.36 -10.34
C HIS B 336 -6.24 47.98 -10.31
N ILE B 337 -5.64 48.22 -11.48
CA ILE B 337 -4.34 48.86 -11.49
C ILE B 337 -4.05 49.78 -12.67
N GLU B 338 -4.06 49.25 -13.89
CA GLU B 338 -3.79 50.08 -15.05
C GLU B 338 -2.40 50.67 -15.00
N VAL B 339 -1.42 49.97 -15.57
CA VAL B 339 -0.08 50.47 -15.58
C VAL B 339 0.40 50.39 -17.02
N ASN B 340 1.45 51.13 -17.36
CA ASN B 340 1.97 51.09 -18.72
C ASN B 340 3.20 50.19 -18.83
N SER B 341 3.28 49.46 -19.93
CA SER B 341 4.40 48.57 -20.16
C SER B 341 5.71 49.23 -19.72
N GLY B 342 6.34 48.68 -18.69
CA GLY B 342 7.60 49.23 -18.20
C GLY B 342 8.09 48.74 -16.84
N LYS B 343 9.10 49.43 -16.30
CA LYS B 343 9.64 49.05 -14.99
C LYS B 343 8.43 49.08 -14.08
N PHE B 344 8.28 48.06 -13.24
CA PHE B 344 7.13 48.00 -12.36
C PHE B 344 7.49 47.51 -10.94
N ASN B 345 6.94 48.16 -9.91
CA ASN B 345 7.22 47.80 -8.52
C ASN B 345 6.03 47.57 -7.60
N PRO B 346 5.38 46.41 -7.71
CA PRO B 346 4.23 46.19 -6.83
C PRO B 346 4.65 46.19 -5.37
N ILE B 347 3.69 46.42 -4.47
CA ILE B 347 3.97 46.43 -3.04
C ILE B 347 2.85 45.80 -2.23
N CYS B 348 3.21 45.01 -1.24
CA CYS B 348 2.20 44.43 -0.38
C CYS B 348 2.55 45.02 0.97
N LYS B 349 1.54 45.57 1.64
CA LYS B 349 1.72 46.15 2.96
C LYS B 349 0.79 45.28 3.80
N ALA B 350 1.30 44.68 4.86
CA ALA B 350 0.44 43.81 5.64
C ALA B 350 0.59 43.93 7.15
N SER B 351 -0.54 43.84 7.83
CA SER B 351 -0.61 43.94 9.28
C SER B 351 -0.29 42.63 9.98
N GLY B 352 -0.78 42.50 11.22
CA GLY B 352 -0.53 41.30 12.03
C GLY B 352 0.51 41.55 13.11
N TRP B 353 0.28 41.10 14.35
CA TRP B 353 1.30 41.35 15.38
C TRP B 353 2.47 40.41 15.21
N PRO B 354 2.19 39.19 14.78
CA PRO B 354 3.37 38.34 14.62
C PRO B 354 4.18 38.86 13.43
N LEU B 355 3.79 40.05 12.94
CA LEU B 355 4.42 40.79 11.85
C LEU B 355 5.24 40.06 10.79
N PRO B 356 4.75 40.08 9.55
CA PRO B 356 5.46 39.41 8.48
C PRO B 356 6.83 39.99 8.16
N THR B 357 7.62 39.18 7.47
CA THR B 357 8.96 39.52 7.05
C THR B 357 9.05 39.10 5.59
N ASN B 358 9.93 39.72 4.82
CA ASN B 358 10.04 39.38 3.40
C ASN B 358 10.24 37.87 3.16
N GLU B 359 10.63 37.14 4.20
CA GLU B 359 10.78 35.70 4.07
C GLU B 359 9.34 35.21 3.85
N GLU B 360 8.45 35.74 4.68
CA GLU B 360 7.03 35.41 4.68
C GLU B 360 6.12 36.23 3.74
N MET B 361 6.67 36.96 2.78
CA MET B 361 5.81 37.76 1.90
C MET B 361 6.11 37.59 0.43
N THR B 362 5.07 37.30 -0.35
CA THR B 362 5.22 37.11 -1.79
C THR B 362 4.14 37.79 -2.59
N LEU B 363 4.34 37.74 -3.89
CA LEU B 363 3.43 38.32 -4.87
C LEU B 363 3.40 37.24 -5.94
N VAL B 364 2.21 36.77 -6.30
CA VAL B 364 2.10 35.73 -7.32
C VAL B 364 1.51 36.16 -8.66
N LYS B 365 2.29 36.02 -9.74
CA LYS B 365 1.83 36.37 -11.08
C LYS B 365 0.67 35.43 -11.45
N PRO B 366 -0.18 35.85 -12.39
CA PRO B 366 -1.32 35.03 -12.80
C PRO B 366 -0.94 33.64 -13.25
N ASP B 367 0.07 33.53 -14.10
CA ASP B 367 0.46 32.21 -14.56
C ASP B 367 0.95 31.37 -13.37
N GLY B 368 1.24 32.03 -12.26
CA GLY B 368 1.66 31.29 -11.08
C GLY B 368 3.07 31.47 -10.58
N THR B 369 3.81 32.39 -11.18
CA THR B 369 5.18 32.60 -10.72
C THR B 369 5.14 33.24 -9.36
N VAL B 370 6.02 32.82 -8.47
CA VAL B 370 6.06 33.45 -7.18
C VAL B 370 7.13 34.51 -7.32
N LEU B 371 6.91 35.65 -6.69
CA LEU B 371 7.88 36.74 -6.77
C LEU B 371 8.20 37.23 -5.39
N HIS B 372 9.50 37.34 -5.09
CA HIS B 372 9.95 37.81 -3.79
C HIS B 372 10.23 39.31 -3.80
N PRO B 373 10.29 39.94 -2.63
CA PRO B 373 10.55 41.37 -2.58
C PRO B 373 11.99 41.65 -2.99
N LYS B 374 12.27 42.86 -3.45
CA LYS B 374 13.63 43.22 -3.87
C LYS B 374 14.20 44.02 -2.71
N ASP B 375 13.33 44.78 -2.05
CA ASP B 375 13.71 45.57 -0.89
C ASP B 375 12.57 45.60 0.12
N PHE B 376 12.92 45.45 1.39
CA PHE B 376 11.93 45.41 2.45
C PHE B 376 11.94 46.67 3.34
N ASN B 377 10.75 47.11 3.73
CA ASN B 377 10.58 48.28 4.57
C ASN B 377 10.12 47.69 5.87
N HIS B 378 9.35 48.47 6.63
CA HIS B 378 8.83 48.02 7.90
C HIS B 378 8.32 49.22 8.65
N THR B 379 7.50 48.98 9.66
CA THR B 379 6.98 50.10 10.41
C THR B 379 6.17 49.61 11.59
N ASP B 380 5.84 50.55 12.47
CA ASP B 380 5.04 50.31 13.67
C ASP B 380 4.13 49.10 13.48
N HIS B 381 3.29 49.22 12.47
CA HIS B 381 2.35 48.20 12.09
C HIS B 381 2.56 48.06 10.59
N PHE B 382 2.29 46.88 10.04
CA PHE B 382 2.43 46.68 8.61
C PHE B 382 3.85 46.52 8.14
N SER B 383 4.00 45.60 7.19
CA SER B 383 5.27 45.33 6.56
C SER B 383 5.07 45.78 5.12
N VAL B 384 6.09 46.41 4.55
CA VAL B 384 6.01 46.88 3.18
C VAL B 384 7.07 46.17 2.37
N ALA B 385 6.61 45.31 1.47
CA ALA B 385 7.51 44.57 0.61
C ALA B 385 7.31 45.06 -0.80
N ILE B 386 8.37 45.62 -1.38
CA ILE B 386 8.30 46.12 -2.74
C ILE B 386 8.92 45.09 -3.67
N PHE B 387 8.19 44.79 -4.75
CA PHE B 387 8.66 43.83 -5.74
C PHE B 387 9.06 44.61 -6.97
N THR B 388 9.93 44.05 -7.78
CA THR B 388 10.33 44.73 -9.00
C THR B 388 10.24 43.74 -10.13
N ILE B 389 9.67 44.18 -11.24
CA ILE B 389 9.50 43.32 -12.38
C ILE B 389 10.09 43.89 -13.68
N HIS B 390 11.19 43.27 -14.15
CA HIS B 390 11.90 43.65 -15.37
C HIS B 390 11.09 44.54 -16.32
N ARG B 391 10.35 43.91 -17.23
CA ARG B 391 9.52 44.60 -18.19
C ARG B 391 8.14 43.91 -18.15
N ILE B 392 7.17 44.48 -17.44
CA ILE B 392 5.84 43.88 -17.39
C ILE B 392 5.10 44.29 -18.65
N LEU B 393 4.66 43.31 -19.43
CA LEU B 393 3.96 43.60 -20.67
C LEU B 393 2.50 43.17 -20.65
N PRO B 394 1.70 43.61 -21.63
CA PRO B 394 0.28 43.31 -21.73
C PRO B 394 -0.18 41.89 -21.36
N PRO B 395 0.48 40.85 -21.89
CA PRO B 395 0.03 39.51 -21.53
C PRO B 395 0.08 39.14 -20.05
N ASP B 396 0.75 39.97 -19.23
CA ASP B 396 0.84 39.70 -17.79
C ASP B 396 -0.37 40.19 -17.01
N SER B 397 -1.21 40.99 -17.65
CA SER B 397 -2.38 41.49 -17.00
C SER B 397 -3.16 40.30 -16.48
N GLY B 398 -4.02 40.53 -15.49
CA GLY B 398 -4.81 39.46 -14.94
C GLY B 398 -5.07 39.63 -13.45
N VAL B 399 -5.06 38.51 -12.74
CA VAL B 399 -5.30 38.52 -11.30
C VAL B 399 -4.08 38.09 -10.52
N TRP B 400 -3.37 39.07 -9.96
CA TRP B 400 -2.19 38.81 -9.15
C TRP B 400 -2.72 38.65 -7.73
N VAL B 401 -1.87 38.17 -6.84
CA VAL B 401 -2.30 37.97 -5.46
C VAL B 401 -1.20 38.27 -4.46
N CYS B 402 -1.44 39.24 -3.56
CA CYS B 402 -0.45 39.53 -2.54
C CYS B 402 -0.67 38.40 -1.57
N SER B 403 0.41 37.75 -1.12
CA SER B 403 0.25 36.63 -0.19
C SER B 403 1.19 36.70 0.99
N VAL B 404 0.61 36.76 2.18
CA VAL B 404 1.39 36.82 3.40
C VAL B 404 1.08 35.58 4.23
N ASN B 405 2.12 34.97 4.76
CA ASN B 405 1.92 33.79 5.56
C ASN B 405 2.92 33.79 6.71
N THR B 406 2.42 34.06 7.92
CA THR B 406 3.27 34.08 9.09
C THR B 406 2.94 32.88 9.95
N VAL B 407 3.39 32.93 11.19
CA VAL B 407 3.16 31.84 12.12
C VAL B 407 1.81 32.01 12.77
N ALA B 408 1.09 33.06 12.37
CA ALA B 408 -0.21 33.28 12.96
C ALA B 408 -1.33 33.08 11.95
N GLY B 409 -0.96 32.62 10.76
CA GLY B 409 -1.95 32.39 9.72
C GLY B 409 -1.46 32.76 8.33
N MET B 410 -2.28 32.48 7.31
CA MET B 410 -1.94 32.80 5.92
C MET B 410 -3.10 33.59 5.34
N VAL B 411 -2.80 34.52 4.44
CA VAL B 411 -3.84 35.32 3.81
C VAL B 411 -3.45 35.74 2.41
N GLU B 412 -4.43 35.70 1.50
CA GLU B 412 -4.20 36.10 0.12
C GLU B 412 -5.33 37.03 -0.33
N LYS B 413 -4.97 38.10 -1.03
CA LYS B 413 -5.94 39.06 -1.54
C LYS B 413 -5.49 39.38 -2.96
N PRO B 414 -6.36 39.16 -3.96
CA PRO B 414 -5.99 39.43 -5.35
C PRO B 414 -6.31 40.80 -5.83
N PHE B 415 -5.65 41.21 -6.91
CA PHE B 415 -5.95 42.49 -7.52
C PHE B 415 -5.84 42.35 -9.03
N ASN B 416 -6.58 43.14 -9.78
CA ASN B 416 -6.56 43.01 -11.23
C ASN B 416 -5.65 44.05 -11.90
N ILE B 417 -4.55 43.58 -12.48
CA ILE B 417 -3.59 44.47 -13.17
C ILE B 417 -3.96 44.49 -14.64
N SER B 418 -3.68 45.59 -15.33
CA SER B 418 -4.00 45.64 -16.74
C SER B 418 -2.99 46.45 -17.53
N VAL B 419 -1.85 45.85 -17.79
CA VAL B 419 -0.80 46.53 -18.53
C VAL B 419 -1.26 46.92 -19.95
N LYS B 420 -1.23 48.22 -20.25
CA LYS B 420 -1.61 48.76 -21.56
C LYS B 420 -0.33 49.16 -22.27
N VAL B 421 -0.41 49.67 -23.49
CA VAL B 421 0.82 50.06 -24.16
C VAL B 421 0.85 51.55 -24.48
N LEU B 422 2.01 52.14 -24.22
CA LEU B 422 2.22 53.57 -24.45
C LEU B 422 2.34 53.87 -25.93
N PRO B 423 1.69 54.95 -26.41
CA PRO B 423 1.77 55.33 -27.82
C PRO B 423 3.21 55.53 -28.31
C1 NAG C . 5.34 -1.22 -8.08
C2 NAG C . 5.99 -0.11 -8.88
C3 NAG C . 6.49 -0.66 -10.20
C4 NAG C . 7.45 -1.84 -9.92
C5 NAG C . 6.87 -2.88 -8.92
C6 NAG C . 7.94 -3.86 -8.43
C7 NAG C . 5.24 2.15 -8.57
C8 NAG C . 5.70 3.27 -9.49
N2 NAG C . 5.03 0.96 -9.12
O3 NAG C . 7.16 0.38 -10.89
O4 NAG C . 7.74 -2.50 -11.18
O5 NAG C . 6.32 -2.22 -7.76
O6 NAG C . 7.45 -4.73 -7.41
O7 NAG C . 5.11 2.37 -7.36
C1 NAG C . 9.06 -2.72 -11.52
C2 NAG C . 9.15 -3.10 -13.01
C3 NAG C . 10.61 -3.17 -13.49
C4 NAG C . 11.40 -1.92 -13.08
C5 NAG C . 11.21 -1.63 -11.58
C6 NAG C . 11.90 -0.37 -11.11
C7 NAG C . 7.19 -4.55 -13.07
C8 NAG C . 6.73 -5.75 -12.26
N2 NAG C . 8.50 -4.40 -13.24
O3 NAG C . 10.62 -3.33 -14.91
O4 NAG C . 12.82 -2.09 -13.37
O5 NAG C . 9.81 -1.50 -11.28
O6 NAG C . 11.74 0.70 -12.03
O7 NAG C . 6.35 -3.76 -13.53
C1 NAG C . 13.24 -1.56 -14.58
C2 NAG C . 14.71 -1.16 -14.53
C3 NAG C . 14.98 -0.40 -15.82
C4 NAG C . 14.62 -1.27 -17.06
C5 NAG C . 13.24 -2.01 -16.92
C6 NAG C . 13.10 -3.19 -17.89
C7 NAG C . 16.22 -0.41 -12.82
C8 NAG C . 17.30 0.57 -13.26
N2 NAG C . 15.02 -0.32 -13.39
O3 NAG C . 16.35 0.00 -15.86
O4 NAG C . 14.58 -0.47 -18.28
O5 NAG C . 13.05 -2.55 -15.60
O6 NAG C . 13.09 -4.44 -17.20
O7 NAG C . 16.47 -1.27 -11.97
C1 NDG C . 14.15 0.87 -18.22
C2 NDG C . 12.67 1.00 -18.64
C3 NDG C . 12.51 0.52 -20.10
C4 NDG C . 13.51 1.22 -21.03
C5 NDG C . 14.95 1.11 -20.47
C6 NDG C . 16.02 1.85 -21.28
C7 NDG C . 10.49 0.62 -17.65
C8 NDG C . 9.46 -0.29 -18.30
O5 NDG C . 14.99 1.62 -19.11
O3 NDG C . 11.18 0.78 -20.54
O4 NDG C . 13.48 0.65 -22.34
O6 NDG C . 17.25 1.16 -21.25
O7 NDG C . 10.12 1.62 -17.04
N2 NDG C . 11.77 0.27 -17.75
C1 NAG D . 8.88 51.67 1.77
C2 NAG D . 8.83 52.92 2.61
C3 NAG D . 8.31 54.18 1.88
C4 NAG D . 7.87 54.03 0.40
C5 NAG D . 8.15 52.67 -0.26
C6 NAG D . 8.48 52.76 -1.77
C7 NAG D . 8.57 52.99 5.01
C8 NAG D . 7.64 53.60 6.05
N2 NAG D . 8.06 52.69 3.82
O3 NAG D . 9.32 55.19 1.97
O4 NAG D . 6.47 54.36 0.27
O5 NAG D . 9.23 52.00 0.41
O6 NAG D . 9.85 52.98 -2.05
O7 NAG D . 9.76 52.79 5.29
C1 NAG D . 6.14 55.69 -0.03
C2 NAG D . 4.66 55.79 -0.41
C3 NAG D . 4.22 57.28 -0.53
C4 NAG D . 4.65 58.10 0.68
C5 NAG D . 6.15 57.90 0.92
C6 NAG D . 6.64 58.65 2.15
C7 NAG D . 3.33 54.46 -1.93
C8 NAG D . 3.31 52.96 -1.70
N2 NAG D . 4.46 55.12 -1.69
O3 NAG D . 2.81 57.36 -0.68
O4 NAG D . 4.37 59.49 0.46
O5 NAG D . 6.42 56.51 1.13
O6 NAG D . 8.06 58.68 2.21
O7 NAG D . 2.32 55.02 -2.37
C1 NAG E . -10.17 43.15 -15.04
C2 NAG E . -11.21 42.23 -15.62
C3 NAG E . -11.72 42.81 -16.95
C4 NAG E . -12.25 44.25 -16.72
C5 NAG E . -11.25 45.12 -15.93
C6 NAG E . -11.89 46.44 -15.46
C7 NAG E . -10.83 39.97 -14.85
C8 NAG E . -10.12 38.63 -15.05
N2 NAG E . -10.65 40.89 -15.79
O3 NAG E . -12.74 41.97 -17.47
O4 NAG E . -12.55 44.89 -17.98
O5 NAG E . -10.77 44.42 -14.74
O6 NAG E . -12.07 47.37 -16.51
O7 NAG E . -11.55 40.14 -13.85
C1 NAG E . -13.90 45.05 -18.35
C2 NAG E . -14.49 43.73 -18.92
C3 NAG E . -16.04 43.76 -19.04
C4 NAG E . -16.80 44.64 -18.03
C5 NAG E . -16.00 45.87 -17.55
C6 NAG E . -16.60 46.55 -16.29
C7 NAG E . -13.10 42.49 -20.49
C8 NAG E . -11.66 42.82 -20.89
N2 NAG E . -13.94 43.50 -20.26
O3 NAG E . -16.54 42.43 -18.96
O4 NAG E . -18.02 45.08 -18.63
O5 NAG E . -14.65 45.51 -17.21
O6 NAG E . -18.04 46.50 -16.27
O7 NAG E . -13.45 41.30 -20.41
CA CA F . -11.37 -26.36 -6.41
C1 NAG G . 5.19 -4.12 14.61
C2 NAG G . 4.71 -4.60 15.99
C3 NAG G . 4.49 -3.41 16.96
C4 NAG G . 5.66 -2.40 16.93
C5 NAG G . 6.04 -2.05 15.50
C6 NAG G . 7.28 -1.17 15.44
C7 NAG G . 3.05 -6.17 16.79
C8 NAG G . 1.91 -5.73 17.69
N2 NAG G . 3.46 -5.34 15.83
O3 NAG G . 4.34 -3.93 18.28
O4 NAG G . 5.29 -1.21 17.62
O5 NAG G . 6.33 -3.25 14.75
O6 NAG G . 8.42 -1.81 15.99
O7 NAG G . 3.57 -7.28 16.96
S SO4 H . 4.57 12.36 -8.24
O1 SO4 H . 4.00 13.73 -8.14
O2 SO4 H . 4.14 11.69 -9.49
O3 SO4 H . 6.05 12.45 -8.24
O4 SO4 H . 4.10 11.56 -7.07
S SO4 I . -12.21 -11.75 -0.71
O1 SO4 I . -13.11 -10.64 -0.35
O2 SO4 I . -12.45 -12.89 0.21
O3 SO4 I . -12.45 -12.17 -2.12
O4 SO4 I . -10.81 -11.29 -0.56
#